data_3OAI
#
_entry.id   3OAI
#
_cell.length_a   61.900
_cell.length_b   54.886
_cell.length_c   146.069
_cell.angle_alpha   90.00
_cell.angle_beta   98.54
_cell.angle_gamma   90.00
#
_symmetry.space_group_name_H-M   'P 1 21 1'
#
loop_
_entity.id
_entity.type
_entity.pdbx_description
1 polymer 'Maltose-binding periplasmic protein, Myelin protein P0'
2 branched alpha-D-glucopyranose-(1-4)-alpha-D-glucopyranose
3 water water
#
_entity_poly.entity_id   1
_entity_poly.type   'polypeptide(L)'
_entity_poly.pdbx_seq_one_letter_code
;KIEEGKLVIWINGDKGYNGLAEVGKKFEKDTGIKVTVEHPDKLEEKFPQVAATGDGPDIIFWAHDRFGGYAQSGLLAEIT
PDKAFQDKLYPFTWDAVRYNGKLIAYPIAVEALSLIYNKDLLPNPPKTWEEIPALDKELKAKGKSALMFNLQEPYFTWPL
IAADGGYAFKYENGKYDIKDVGVDNAGAKAGLTFLVDLIKNKHMNADTDYSIAEAAFNKGETAMTINGPWAWSNIDTSKV
NYGVTVLPTFKGQPSKPFVGVLSAGINAASPNKELAKEFLENYLLTDEGLEAVNKDKPLGAVALKSYEEELAKDPRIAAT
MENAQKGEIMPNIPQMSAFWYAVRTAVINAASGRQTVDEALKDAQTNNNNNNNNNNNNNNNNNNNNIVVYTDREVHGAVG
SQVTLHCSFWSSEWVSDDISFTWRYQPEGGRDAISIFHYAKGQPYIDEVGTFKERIQWVGDPRWKDGSIVIHNLDYSDNG
TFTCDVKNPPDIVGKTSQVTLYVFEKV
;
_entity_poly.pdbx_strand_id   A,B
#
loop_
_chem_comp.id
_chem_comp.type
_chem_comp.name
_chem_comp.formula
GLC D-saccharide, alpha linking alpha-D-glucopyranose 'C6 H12 O6'
#
# COMPACT_ATOMS: atom_id res chain seq x y z
N LYS A 1 18.02 37.02 24.91
CA LYS A 1 18.34 38.21 24.06
C LYS A 1 18.93 37.81 22.72
N ILE A 2 18.60 38.57 21.68
CA ILE A 2 18.79 38.12 20.33
C ILE A 2 20.04 38.77 19.75
N GLU A 3 20.98 37.95 19.30
CA GLU A 3 22.14 38.42 18.53
C GLU A 3 21.81 38.25 17.05
N GLU A 4 22.28 39.11 16.14
CA GLU A 4 22.44 40.55 16.16
C GLU A 4 23.11 40.73 14.79
N GLY A 5 24.09 39.89 14.50
CA GLY A 5 24.58 39.81 13.13
C GLY A 5 24.37 38.45 12.46
N LYS A 6 23.30 37.75 12.85
CA LYS A 6 23.02 36.40 12.30
C LYS A 6 21.55 36.03 12.52
N LEU A 7 21.12 34.92 11.92
CA LEU A 7 19.72 34.49 12.01
C LEU A 7 19.59 33.14 12.67
N VAL A 8 18.74 33.08 13.69
CA VAL A 8 18.28 31.84 14.30
C VAL A 8 16.82 31.58 13.88
N ILE A 9 16.57 30.35 13.44
CA ILE A 9 15.26 29.95 12.96
C ILE A 9 14.81 28.72 13.71
N TRP A 10 13.56 28.74 14.18
CA TRP A 10 12.88 27.58 14.76
C TRP A 10 11.88 26.97 13.76
N ILE A 11 11.94 25.66 13.59
CA ILE A 11 10.97 24.95 12.76
C ILE A 11 10.74 23.56 13.35
N ASN A 12 9.57 22.98 13.12
CA ASN A 12 9.21 21.67 13.67
C ASN A 12 10.11 20.56 13.13
N GLY A 13 10.46 19.62 14.00
CA GLY A 13 11.35 18.52 13.67
C GLY A 13 10.82 17.48 12.68
N ASP A 14 9.53 17.56 12.35
CA ASP A 14 8.96 16.73 11.28
C ASP A 14 9.15 17.33 9.86
N LYS A 15 9.55 18.60 9.79
CA LYS A 15 9.65 19.31 8.51
C LYS A 15 11.09 19.31 7.94
N GLY A 16 11.26 19.88 6.74
CA GLY A 16 12.57 19.82 6.08
C GLY A 16 13.65 20.79 6.60
N TYR A 17 14.08 20.60 7.84
CA TYR A 17 14.96 21.58 8.47
C TYR A 17 16.39 21.52 7.94
N ASN A 18 16.80 20.34 7.45
CA ASN A 18 18.14 20.19 6.84
C ASN A 18 18.19 20.86 5.51
N GLY A 19 17.11 20.71 4.74
CA GLY A 19 16.88 21.45 3.51
C GLY A 19 16.83 22.95 3.73
N LEU A 20 16.20 23.38 4.84
CA LEU A 20 16.17 24.79 5.20
C LEU A 20 17.59 25.31 5.55
N ALA A 21 18.34 24.51 6.30
CA ALA A 21 19.73 24.82 6.64
C ALA A 21 20.59 25.04 5.39
N GLU A 22 20.36 24.23 4.34
CA GLU A 22 21.05 24.39 3.05
C GLU A 22 20.74 25.75 2.41
N VAL A 23 19.49 26.18 2.51
CA VAL A 23 19.17 27.54 2.03
C VAL A 23 19.94 28.52 2.91
N GLY A 24 20.06 28.19 4.19
CA GLY A 24 20.87 28.97 5.13
C GLY A 24 22.34 29.07 4.70
N LYS A 25 22.91 27.97 4.24
CA LYS A 25 24.29 27.96 3.76
C LYS A 25 24.49 28.84 2.53
N LYS A 26 23.53 28.82 1.61
CA LYS A 26 23.58 29.68 0.44
C LYS A 26 23.50 31.18 0.79
N PHE A 27 22.60 31.52 1.70
CA PHE A 27 22.48 32.87 2.23
C PHE A 27 23.82 33.30 2.84
N GLU A 28 24.37 32.43 3.68
CA GLU A 28 25.65 32.69 4.32
C GLU A 28 26.80 32.91 3.31
N LYS A 29 26.85 32.09 2.26
CA LYS A 29 27.84 32.29 1.20
C LYS A 29 27.71 33.68 0.58
N ASP A 30 26.50 34.03 0.11
CA ASP A 30 26.22 35.34 -0.51
C ASP A 30 26.47 36.54 0.40
N THR A 31 26.18 36.40 1.69
CA THR A 31 26.01 37.55 2.56
C THR A 31 26.99 37.52 3.72
N GLY A 32 27.54 36.35 4.01
CA GLY A 32 28.40 36.19 5.18
C GLY A 32 27.61 36.09 6.47
N ILE A 33 26.27 36.08 6.37
CA ILE A 33 25.41 35.98 7.55
C ILE A 33 25.10 34.51 7.90
N LYS A 34 25.53 34.09 9.07
CA LYS A 34 25.27 32.74 9.58
C LYS A 34 23.76 32.49 9.78
N VAL A 35 23.28 31.32 9.38
CA VAL A 35 21.87 30.94 9.60
C VAL A 35 21.81 29.65 10.40
N THR A 36 21.40 29.73 11.66
CA THR A 36 21.25 28.54 12.50
C THR A 36 19.80 28.07 12.51
N VAL A 37 19.56 26.80 12.18
CA VAL A 37 18.23 26.24 12.18
C VAL A 37 18.10 25.26 13.32
N GLU A 38 17.15 25.49 14.20
CA GLU A 38 16.89 24.62 15.34
C GLU A 38 15.45 24.09 15.30
N HIS A 39 15.22 22.95 15.94
CA HIS A 39 13.88 22.40 15.99
C HIS A 39 13.49 21.99 17.40
N PRO A 40 13.27 22.97 18.30
CA PRO A 40 12.94 22.65 19.70
C PRO A 40 11.60 21.95 19.80
N ASP A 41 11.47 21.06 20.79
CA ASP A 41 10.20 20.42 21.11
C ASP A 41 9.18 21.47 21.54
N LYS A 42 7.92 21.28 21.15
CA LYS A 42 6.84 22.21 21.53
C LYS A 42 7.21 23.66 21.26
N LEU A 43 7.92 23.94 20.15
CA LEU A 43 8.41 25.30 19.91
C LEU A 43 7.26 26.33 19.76
N GLU A 44 6.10 25.83 19.34
CA GLU A 44 4.85 26.59 19.26
C GLU A 44 4.45 27.14 20.65
N GLU A 45 4.84 26.45 21.70
CA GLU A 45 4.58 26.93 23.06
C GLU A 45 5.78 27.67 23.62
N LYS A 46 6.99 27.21 23.28
CA LYS A 46 8.20 27.90 23.69
C LYS A 46 8.29 29.32 23.11
N PHE A 47 7.83 29.51 21.88
CA PHE A 47 7.95 30.83 21.31
C PHE A 47 7.33 31.96 22.13
N PRO A 48 6.02 31.85 22.48
CA PRO A 48 5.48 32.98 23.25
C PRO A 48 6.08 33.10 24.64
N GLN A 49 6.49 31.97 25.21
CA GLN A 49 7.09 31.94 26.54
C GLN A 49 8.33 32.82 26.62
N VAL A 50 9.24 32.67 25.66
CA VAL A 50 10.48 33.43 25.69
C VAL A 50 10.41 34.73 24.92
N ALA A 51 9.55 34.82 23.92
CA ALA A 51 9.47 36.08 23.14
C ALA A 51 8.85 37.22 23.93
N ALA A 52 8.11 36.90 25.01
CA ALA A 52 7.59 37.92 25.91
C ALA A 52 8.65 38.75 26.69
N THR A 53 9.83 38.18 26.94
CA THR A 53 11.00 38.96 27.43
C THR A 53 11.91 39.46 26.30
N GLY A 54 11.43 39.42 25.07
CA GLY A 54 12.27 39.76 23.94
C GLY A 54 13.37 38.74 23.60
N ASP A 55 13.10 37.47 23.90
CA ASP A 55 14.05 36.39 23.59
C ASP A 55 13.52 35.55 22.41
N GLY A 56 14.22 34.44 22.12
CA GLY A 56 13.75 33.47 21.12
C GLY A 56 14.47 33.62 19.79
N PRO A 57 13.95 32.95 18.73
CA PRO A 57 14.55 32.99 17.39
C PRO A 57 14.24 34.28 16.66
N ASP A 58 15.01 34.61 15.62
CA ASP A 58 14.60 35.72 14.74
C ASP A 58 13.38 35.32 13.93
N ILE A 59 13.40 34.12 13.41
CA ILE A 59 12.24 33.69 12.66
C ILE A 59 11.65 32.37 13.12
N ILE A 60 10.33 32.29 13.20
CA ILE A 60 9.65 31.05 13.64
C ILE A 60 8.74 30.52 12.54
N PHE A 61 8.82 29.20 12.30
CA PHE A 61 7.98 28.50 11.34
C PHE A 61 6.92 27.67 12.06
N TRP A 62 5.65 27.89 11.71
CA TRP A 62 4.56 27.04 12.19
C TRP A 62 3.35 27.24 11.26
N ALA A 63 2.33 26.37 11.37
CA ALA A 63 1.05 26.63 10.70
C ALA A 63 0.48 27.98 11.16
N HIS A 64 -0.20 28.66 10.24
CA HIS A 64 -0.72 30.03 10.44
C HIS A 64 -1.62 30.19 11.69
N ASP A 65 -2.24 29.10 12.15
CA ASP A 65 -3.24 29.19 13.22
C ASP A 65 -2.70 29.81 14.50
N ARG A 66 -1.44 29.54 14.83
CA ARG A 66 -0.84 30.00 16.08
C ARG A 66 -0.42 31.47 16.04
N PHE A 67 -0.37 32.04 14.83
CA PHE A 67 0.20 33.34 14.62
C PHE A 67 -0.70 34.51 15.02
N GLY A 68 -2.01 34.28 15.01
CA GLY A 68 -2.95 35.26 15.54
C GLY A 68 -2.68 35.58 17.00
N GLY A 69 -2.52 34.56 17.82
CA GLY A 69 -2.15 34.76 19.22
C GLY A 69 -0.82 35.48 19.35
N TYR A 70 0.20 35.04 18.59
CA TYR A 70 1.50 35.69 18.63
C TYR A 70 1.38 37.17 18.28
N ALA A 71 0.64 37.46 17.22
CA ALA A 71 0.46 38.83 16.77
C ALA A 71 -0.31 39.68 17.78
N GLN A 72 -1.33 39.09 18.39
CA GLN A 72 -2.21 39.81 19.31
C GLN A 72 -1.34 40.34 20.47
N SER A 73 -0.45 39.50 20.95
CA SER A 73 0.47 39.81 22.05
C SER A 73 1.60 40.74 21.63
N GLY A 74 1.74 41.00 20.34
CA GLY A 74 2.76 41.93 19.84
C GLY A 74 4.13 41.28 19.66
N LEU A 75 4.13 39.98 19.38
CA LEU A 75 5.37 39.21 19.30
C LEU A 75 5.95 39.16 17.89
N LEU A 76 5.19 39.61 16.91
CA LEU A 76 5.62 39.48 15.52
C LEU A 76 5.81 40.82 14.85
N ALA A 77 6.83 40.94 14.01
CA ALA A 77 6.99 42.17 13.27
C ALA A 77 5.98 42.18 12.13
N GLU A 78 5.46 43.36 11.81
CA GLU A 78 4.60 43.47 10.66
C GLU A 78 5.42 43.22 9.36
N ILE A 79 4.87 42.41 8.45
CA ILE A 79 5.49 42.06 7.18
C ILE A 79 5.07 43.11 6.13
N THR A 80 6.01 43.64 5.37
CA THR A 80 5.65 44.63 4.35
C THR A 80 6.36 44.40 3.01
N PRO A 81 6.03 43.30 2.31
CA PRO A 81 6.59 43.14 0.99
C PRO A 81 5.84 44.01 -0.01
N ASP A 82 6.54 44.46 -1.05
CA ASP A 82 5.90 45.22 -2.11
C ASP A 82 4.98 44.34 -2.93
N LYS A 83 4.13 44.98 -3.73
CA LYS A 83 3.12 44.30 -4.51
C LYS A 83 3.72 43.30 -5.50
N ALA A 84 4.88 43.64 -6.05
CA ALA A 84 5.61 42.70 -6.92
C ALA A 84 5.90 41.39 -6.20
N PHE A 85 6.49 41.46 -5.01
CA PHE A 85 6.71 40.22 -4.25
C PHE A 85 5.38 39.52 -3.92
N GLN A 86 4.39 40.27 -3.43
CA GLN A 86 3.13 39.64 -3.04
C GLN A 86 2.56 38.83 -4.19
N ASP A 87 2.62 39.40 -5.40
CA ASP A 87 2.09 38.77 -6.62
C ASP A 87 2.75 37.41 -6.94
N LYS A 88 3.94 37.17 -6.39
CA LYS A 88 4.61 35.89 -6.55
C LYS A 88 3.91 34.72 -5.82
N LEU A 89 3.12 35.03 -4.78
CA LEU A 89 2.40 33.99 -4.00
C LEU A 89 0.89 34.05 -4.19
N TYR A 90 0.24 32.90 -4.16
CA TYR A 90 -1.23 32.87 -4.13
C TYR A 90 -1.87 33.81 -3.09
N PRO A 91 -2.85 34.63 -3.51
CA PRO A 91 -3.55 35.55 -2.60
C PRO A 91 -4.16 34.88 -1.35
N PHE A 92 -4.75 33.70 -1.50
CA PHE A 92 -5.29 33.02 -0.34
C PHE A 92 -4.23 32.67 0.73
N THR A 93 -2.98 32.45 0.32
CA THR A 93 -1.97 32.15 1.33
C THR A 93 -1.64 33.38 2.16
N TRP A 94 -1.70 34.58 1.54
CA TRP A 94 -1.55 35.86 2.27
C TRP A 94 -2.71 36.12 3.22
N ASP A 95 -3.93 35.78 2.80
CA ASP A 95 -5.08 35.98 3.69
C ASP A 95 -4.86 35.21 5.02
N ALA A 96 -4.23 34.05 4.96
CA ALA A 96 -4.02 33.18 6.12
C ALA A 96 -3.04 33.76 7.12
N VAL A 97 -2.18 34.66 6.64
CA VAL A 97 -1.23 35.31 7.54
C VAL A 97 -1.54 36.82 7.73
N ARG A 98 -2.76 37.24 7.43
CA ARG A 98 -3.21 38.60 7.70
C ARG A 98 -3.94 38.58 9.05
N TYR A 99 -3.59 39.50 9.93
CA TYR A 99 -4.23 39.58 11.24
C TYR A 99 -4.41 41.03 11.61
N ASN A 100 -5.67 41.38 11.82
CA ASN A 100 -6.08 42.76 12.13
C ASN A 100 -5.62 43.73 11.05
N GLY A 101 -5.76 43.33 9.79
CA GLY A 101 -5.40 44.16 8.66
C GLY A 101 -3.93 44.10 8.27
N LYS A 102 -3.10 43.53 9.13
CA LYS A 102 -1.66 43.49 8.89
C LYS A 102 -1.16 42.08 8.50
N LEU A 103 -0.25 42.03 7.54
CA LEU A 103 0.52 40.82 7.26
C LEU A 103 1.54 40.61 8.38
N ILE A 104 1.49 39.44 9.00
CA ILE A 104 2.36 39.14 10.13
C ILE A 104 3.27 37.92 9.97
N ALA A 105 3.26 37.35 8.76
CA ALA A 105 4.15 36.26 8.42
C ALA A 105 4.24 36.10 6.90
N TYR A 106 5.21 35.33 6.44
CA TYR A 106 5.28 34.95 5.03
C TYR A 106 4.71 33.54 4.88
N PRO A 107 3.76 33.35 3.98
CA PRO A 107 3.29 31.97 3.80
C PRO A 107 4.29 31.12 3.02
N ILE A 108 4.36 29.84 3.33
CA ILE A 108 5.29 28.93 2.69
C ILE A 108 4.57 27.82 1.91
N ALA A 109 3.65 27.10 2.57
CA ALA A 109 3.00 25.95 1.94
C ALA A 109 1.67 25.57 2.59
N VAL A 110 0.80 24.97 1.82
CA VAL A 110 -0.50 24.48 2.24
C VAL A 110 -0.36 23.01 2.55
N GLU A 111 -0.72 22.65 3.79
CA GLU A 111 -0.70 21.26 4.27
C GLU A 111 -2.14 20.83 4.54
N ALA A 112 -2.48 19.59 4.18
CA ALA A 112 -3.64 18.91 4.74
C ALA A 112 -3.31 17.42 4.94
N LEU A 113 -3.96 16.78 5.90
CA LEU A 113 -3.86 15.34 6.09
C LEU A 113 -4.51 14.56 4.93
N SER A 114 -3.92 13.40 4.60
CA SER A 114 -4.49 12.46 3.65
C SER A 114 -4.46 11.05 4.22
N LEU A 115 -5.20 10.16 3.59
CA LEU A 115 -5.07 8.72 3.84
C LEU A 115 -3.89 8.15 3.08
N ILE A 116 -2.97 7.53 3.80
CA ILE A 116 -1.83 6.86 3.21
C ILE A 116 -2.10 5.35 3.39
N TYR A 117 -1.87 4.55 2.35
CA TYR A 117 -2.14 3.10 2.44
C TYR A 117 -1.06 2.28 1.75
N ASN A 118 -0.79 1.11 2.29
CA ASN A 118 0.17 0.17 1.73
C ASN A 118 -0.55 -0.65 0.64
N LYS A 119 -0.10 -0.40 -0.60
CA LYS A 119 -0.66 -0.99 -1.78
C LYS A 119 -0.48 -2.52 -1.84
N ASP A 120 0.55 -3.06 -1.19
CA ASP A 120 0.69 -4.51 -1.12
C ASP A 120 -0.23 -5.18 -0.11
N LEU A 121 -0.69 -4.43 0.89
CA LEU A 121 -1.71 -4.97 1.79
C LEU A 121 -3.14 -4.68 1.31
N LEU A 122 -3.31 -3.58 0.59
CA LEU A 122 -4.63 -3.01 0.36
C LEU A 122 -4.57 -2.34 -0.99
N PRO A 123 -4.59 -3.15 -2.06
CA PRO A 123 -4.64 -2.57 -3.40
C PRO A 123 -5.78 -1.57 -3.57
N ASN A 124 -6.88 -1.75 -2.83
CA ASN A 124 -8.02 -0.82 -2.91
C ASN A 124 -8.49 -0.32 -1.56
N PRO A 125 -8.06 0.89 -1.18
CA PRO A 125 -8.30 1.33 0.21
C PRO A 125 -9.78 1.66 0.45
N PRO A 126 -10.23 1.57 1.71
CA PRO A 126 -11.66 1.77 1.96
C PRO A 126 -12.11 3.19 1.62
N LYS A 127 -13.33 3.31 1.11
CA LYS A 127 -13.88 4.63 0.77
C LYS A 127 -14.55 5.21 1.99
N THR A 128 -14.62 4.41 3.05
CA THR A 128 -15.54 4.71 4.11
C THR A 128 -14.94 4.34 5.49
N TRP A 129 -15.21 5.15 6.50
CA TRP A 129 -14.82 4.83 7.87
C TRP A 129 -15.51 3.55 8.39
N GLU A 130 -16.77 3.37 8.00
CA GLU A 130 -17.59 2.29 8.53
C GLU A 130 -17.08 0.92 8.11
N GLU A 131 -16.40 0.84 6.98
CA GLU A 131 -15.72 -0.38 6.52
C GLU A 131 -14.53 -0.81 7.39
N ILE A 132 -13.94 0.11 8.15
CA ILE A 132 -12.64 -0.16 8.74
C ILE A 132 -12.59 -1.32 9.78
N PRO A 133 -13.61 -1.41 10.67
CA PRO A 133 -13.64 -2.53 11.62
C PRO A 133 -13.58 -3.90 10.93
N ALA A 134 -14.37 -4.09 9.88
CA ALA A 134 -14.39 -5.36 9.18
C ALA A 134 -13.05 -5.61 8.49
N LEU A 135 -12.50 -4.58 7.86
CA LEU A 135 -11.17 -4.69 7.28
C LEU A 135 -10.09 -5.11 8.31
N ASP A 136 -10.16 -4.50 9.49
CA ASP A 136 -9.17 -4.75 10.51
C ASP A 136 -9.17 -6.24 10.91
N LYS A 137 -10.36 -6.80 11.09
CA LYS A 137 -10.51 -8.22 11.45
C LYS A 137 -9.88 -9.09 10.38
N GLU A 138 -10.11 -8.76 9.11
CA GLU A 138 -9.49 -9.53 8.03
C GLU A 138 -7.98 -9.45 8.21
N LEU A 139 -7.45 -8.25 8.39
CA LEU A 139 -6.00 -8.06 8.37
C LEU A 139 -5.36 -8.63 9.63
N LYS A 140 -6.11 -8.58 10.74
CA LYS A 140 -5.68 -9.17 12.02
C LYS A 140 -5.40 -10.67 11.87
N ALA A 141 -6.29 -11.36 11.16
CA ALA A 141 -6.13 -12.78 10.86
C ALA A 141 -4.86 -13.03 10.03
N LYS A 142 -4.29 -11.96 9.47
CA LYS A 142 -3.06 -12.09 8.69
C LYS A 142 -1.87 -11.44 9.38
N GLY A 143 -2.00 -11.21 10.68
CA GLY A 143 -0.94 -10.59 11.50
C GLY A 143 -0.65 -9.11 11.24
N LYS A 144 -1.62 -8.39 10.70
CA LYS A 144 -1.45 -6.98 10.37
C LYS A 144 -2.59 -6.20 11.05
N SER A 145 -2.63 -4.89 10.90
CA SER A 145 -3.81 -4.14 11.34
C SER A 145 -4.28 -3.22 10.22
N ALA A 146 -5.49 -2.70 10.34
CA ALA A 146 -6.04 -1.83 9.31
C ALA A 146 -5.41 -0.43 9.33
N LEU A 147 -5.39 0.19 10.50
CA LEU A 147 -5.15 1.61 10.62
C LEU A 147 -4.42 2.02 11.91
N MET A 148 -3.39 2.84 11.76
CA MET A 148 -2.76 3.46 12.92
C MET A 148 -2.39 4.89 12.58
N PHE A 149 -2.77 5.79 13.47
CA PHE A 149 -2.44 7.21 13.31
C PHE A 149 -2.36 7.86 14.66
N ASN A 150 -1.78 9.04 14.71
CA ASN A 150 -1.55 9.74 15.95
C ASN A 150 -2.85 10.09 16.72
N LEU A 151 -3.10 9.39 17.82
CA LEU A 151 -4.30 9.65 18.59
C LEU A 151 -4.10 10.70 19.66
N GLN A 152 -2.86 11.12 19.89
CA GLN A 152 -2.57 12.06 20.98
C GLN A 152 -2.81 13.52 20.58
N GLU A 153 -2.82 13.81 19.27
CA GLU A 153 -2.98 15.20 18.83
C GLU A 153 -4.28 15.35 18.04
N PRO A 154 -5.14 16.30 18.44
CA PRO A 154 -6.50 16.49 17.88
C PRO A 154 -6.46 16.92 16.42
N TYR A 155 -5.35 17.45 15.94
CA TYR A 155 -5.15 17.68 14.50
C TYR A 155 -5.53 16.45 13.66
N PHE A 156 -5.17 15.27 14.17
CA PHE A 156 -5.28 14.00 13.44
C PHE A 156 -6.65 13.36 13.52
N THR A 157 -7.37 13.65 14.59
CA THR A 157 -8.69 13.07 14.84
C THR A 157 -9.80 14.02 14.42
N TRP A 158 -9.50 15.32 14.40
CA TRP A 158 -10.43 16.36 13.86
C TRP A 158 -11.14 16.09 12.53
N PRO A 159 -10.47 15.49 11.52
CA PRO A 159 -11.19 15.25 10.26
C PRO A 159 -12.47 14.39 10.41
N LEU A 160 -12.40 13.38 11.28
CA LEU A 160 -13.52 12.50 11.55
C LEU A 160 -14.58 13.22 12.41
N ILE A 161 -14.12 13.93 13.43
CA ILE A 161 -15.00 14.70 14.29
C ILE A 161 -15.79 15.75 13.50
N ALA A 162 -15.12 16.44 12.58
CA ALA A 162 -15.80 17.49 11.84
C ALA A 162 -16.68 16.95 10.68
N ALA A 163 -16.54 15.66 10.35
CA ALA A 163 -17.14 15.11 9.13
C ALA A 163 -18.66 15.25 9.09
N ASP A 164 -19.32 14.88 10.18
CA ASP A 164 -20.79 14.90 10.24
C ASP A 164 -21.31 16.17 10.94
N GLY A 165 -20.44 17.15 11.18
CA GLY A 165 -20.92 18.47 11.58
C GLY A 165 -20.14 19.27 12.61
N GLY A 166 -19.17 18.65 13.28
CA GLY A 166 -18.34 19.41 14.20
C GLY A 166 -17.69 20.66 13.59
N TYR A 167 -17.54 21.74 14.36
CA TYR A 167 -16.72 22.88 13.88
C TYR A 167 -16.02 23.51 15.07
N ALA A 168 -15.01 24.35 14.82
CA ALA A 168 -14.35 25.08 15.90
C ALA A 168 -15.22 26.28 16.29
N PHE A 169 -15.08 27.36 15.52
CA PHE A 169 -15.75 28.62 15.78
C PHE A 169 -16.58 28.89 14.55
N LYS A 170 -17.86 29.19 14.77
CA LYS A 170 -18.79 29.51 13.69
C LYS A 170 -18.29 30.67 12.84
N TYR A 171 -18.28 30.49 11.51
CA TYR A 171 -17.91 31.56 10.56
C TYR A 171 -19.16 32.22 9.96
N GLU A 172 -19.27 33.52 10.12
CA GLU A 172 -20.55 34.20 9.89
C GLU A 172 -20.29 35.59 9.39
N ASN A 173 -20.61 35.83 8.12
CA ASN A 173 -20.35 37.11 7.44
C ASN A 173 -19.02 37.78 7.80
N GLY A 174 -17.96 37.28 7.18
CA GLY A 174 -16.62 37.84 7.34
C GLY A 174 -15.89 37.65 8.66
N LYS A 175 -16.47 36.90 9.60
CA LYS A 175 -15.89 36.88 10.94
C LYS A 175 -16.16 35.61 11.75
N TYR A 176 -15.27 35.29 12.67
CA TYR A 176 -15.47 34.14 13.55
C TYR A 176 -16.19 34.53 14.83
N ASP A 177 -17.25 33.80 15.15
CA ASP A 177 -17.97 34.00 16.41
C ASP A 177 -17.27 33.20 17.50
N ILE A 178 -16.46 33.88 18.31
CA ILE A 178 -15.74 33.26 19.43
C ILE A 178 -16.66 32.67 20.49
N LYS A 179 -17.96 32.96 20.40
CA LYS A 179 -18.89 32.46 21.37
C LYS A 179 -19.67 31.27 20.85
N ASP A 180 -19.47 30.94 19.57
CA ASP A 180 -20.20 29.86 18.95
C ASP A 180 -19.24 28.74 18.51
N VAL A 181 -19.03 27.80 19.43
CA VAL A 181 -18.15 26.69 19.23
C VAL A 181 -18.99 25.44 18.94
N GLY A 182 -18.47 24.57 18.07
CA GLY A 182 -19.26 23.45 17.60
C GLY A 182 -18.62 22.12 17.90
N VAL A 183 -18.01 21.98 19.07
CA VAL A 183 -17.36 20.72 19.40
C VAL A 183 -18.32 19.82 20.19
N ASP A 184 -19.49 20.36 20.51
CA ASP A 184 -20.49 19.66 21.30
C ASP A 184 -21.67 19.13 20.51
N ASN A 185 -21.82 19.57 19.28
CA ASN A 185 -23.06 19.29 18.57
C ASN A 185 -23.12 17.84 18.13
N ALA A 186 -24.25 17.45 17.55
CA ALA A 186 -24.54 16.05 17.32
C ALA A 186 -23.53 15.40 16.37
N GLY A 187 -23.05 16.18 15.41
CA GLY A 187 -22.08 15.65 14.46
C GLY A 187 -20.75 15.29 15.08
N ALA A 188 -20.25 16.18 15.94
CA ALA A 188 -18.97 16.00 16.61
C ALA A 188 -19.01 14.77 17.51
N LYS A 189 -20.16 14.55 18.14
CA LYS A 189 -20.37 13.40 19.03
C LYS A 189 -20.35 12.10 18.27
N ALA A 190 -21.06 12.06 17.15
CA ALA A 190 -21.04 10.88 16.31
C ALA A 190 -19.63 10.52 15.85
N GLY A 191 -18.86 11.52 15.44
CA GLY A 191 -17.50 11.29 14.95
C GLY A 191 -16.60 10.75 16.05
N LEU A 192 -16.65 11.38 17.22
CA LEU A 192 -15.78 10.93 18.32
C LEU A 192 -16.24 9.59 18.88
N THR A 193 -17.55 9.37 18.89
CA THR A 193 -18.09 8.08 19.27
C THR A 193 -17.59 6.97 18.37
N PHE A 194 -17.55 7.22 17.05
CA PHE A 194 -17.00 6.21 16.15
C PHE A 194 -15.55 5.91 16.48
N LEU A 195 -14.79 6.96 16.70
CA LEU A 195 -13.38 6.80 17.10
C LEU A 195 -13.20 6.01 18.40
N VAL A 196 -13.90 6.37 19.46
CA VAL A 196 -13.74 5.60 20.68
C VAL A 196 -14.18 4.13 20.60
N ASP A 197 -15.25 3.83 19.85
CA ASP A 197 -15.49 2.40 19.64
C ASP A 197 -14.59 1.60 18.69
N LEU A 198 -13.85 2.29 17.81
CA LEU A 198 -12.66 1.66 17.19
C LEU A 198 -11.71 1.19 18.29
N ILE A 199 -11.45 2.06 19.25
CA ILE A 199 -10.57 1.72 20.37
C ILE A 199 -11.16 0.65 21.28
N LYS A 200 -12.40 0.84 21.73
CA LYS A 200 -13.01 -0.16 22.59
C LYS A 200 -13.12 -1.54 21.92
N ASN A 201 -13.32 -1.55 20.60
CA ASN A 201 -13.28 -2.79 19.83
C ASN A 201 -11.91 -3.34 19.42
N LYS A 202 -10.84 -2.75 19.94
CA LYS A 202 -9.46 -3.22 19.69
C LYS A 202 -8.97 -3.03 18.24
N HIS A 203 -9.66 -2.21 17.46
CA HIS A 203 -9.18 -1.87 16.12
C HIS A 203 -8.10 -0.80 16.13
N MET A 204 -8.08 0.03 17.18
CA MET A 204 -6.94 0.93 17.44
C MET A 204 -6.63 0.95 18.94
N ASN A 205 -5.49 1.54 19.28
CA ASN A 205 -5.06 1.64 20.68
C ASN A 205 -4.99 3.08 21.13
N ALA A 206 -5.62 3.40 22.26
CA ALA A 206 -5.67 4.79 22.74
C ALA A 206 -4.29 5.43 23.00
N ASP A 207 -3.26 4.60 23.11
CA ASP A 207 -1.92 5.08 23.39
C ASP A 207 -1.17 5.47 22.11
N THR A 208 -1.71 5.11 20.94
CA THR A 208 -0.93 5.22 19.70
C THR A 208 -0.58 6.70 19.49
N ASP A 209 0.71 7.00 19.37
CA ASP A 209 1.14 8.36 19.07
C ASP A 209 1.84 8.46 17.69
N TYR A 210 2.44 9.62 17.41
CA TYR A 210 3.01 9.87 16.08
C TYR A 210 4.12 8.86 15.68
N SER A 211 5.11 8.67 16.57
CA SER A 211 6.22 7.75 16.33
C SER A 211 5.78 6.30 16.16
N ILE A 212 4.82 5.87 16.96
CA ILE A 212 4.38 4.49 16.90
C ILE A 212 3.64 4.23 15.57
N ALA A 213 2.75 5.14 15.18
CA ALA A 213 2.01 4.97 13.92
C ALA A 213 2.96 5.01 12.72
N GLU A 214 3.92 5.95 12.75
CA GLU A 214 4.82 6.08 11.60
C GLU A 214 5.67 4.81 11.47
N ALA A 215 6.19 4.33 12.61
CA ALA A 215 7.02 3.13 12.63
C ALA A 215 6.22 1.93 12.14
N ALA A 216 5.00 1.76 12.63
CA ALA A 216 4.18 0.63 12.20
C ALA A 216 3.91 0.68 10.70
N PHE A 217 3.53 1.84 10.19
CA PHE A 217 3.27 1.89 8.73
C PHE A 217 4.54 1.61 7.92
N ASN A 218 5.66 2.21 8.35
CA ASN A 218 6.89 2.14 7.56
C ASN A 218 7.55 0.77 7.60
N LYS A 219 7.23 -0.01 8.63
CA LYS A 219 7.66 -1.40 8.69
C LYS A 219 6.67 -2.37 8.06
N GLY A 220 5.65 -1.87 7.36
CA GLY A 220 4.64 -2.74 6.78
C GLY A 220 3.71 -3.47 7.75
N GLU A 221 3.52 -2.94 8.96
CA GLU A 221 2.71 -3.62 10.00
C GLU A 221 1.22 -3.27 9.97
N THR A 222 0.91 -2.08 9.44
CA THR A 222 -0.46 -1.62 9.34
C THR A 222 -0.71 -1.16 7.92
N ALA A 223 -1.97 -1.29 7.47
CA ALA A 223 -2.33 -1.07 6.09
C ALA A 223 -2.48 0.40 5.70
N MET A 224 -2.80 1.24 6.69
CA MET A 224 -3.10 2.66 6.47
C MET A 224 -2.62 3.50 7.65
N THR A 225 -2.33 4.76 7.34
CA THR A 225 -2.11 5.76 8.35
C THR A 225 -2.65 7.09 7.81
N ILE A 226 -2.76 8.06 8.70
CA ILE A 226 -3.23 9.39 8.32
C ILE A 226 -2.08 10.31 8.71
N ASN A 227 -1.59 11.05 7.74
CA ASN A 227 -0.47 11.95 7.94
C ASN A 227 -0.40 12.98 6.79
N GLY A 228 0.48 13.98 6.94
CA GLY A 228 0.61 15.08 5.99
C GLY A 228 1.79 14.83 5.06
N PRO A 229 2.06 15.77 4.14
CA PRO A 229 3.11 15.55 3.12
C PRO A 229 4.54 15.44 3.67
N TRP A 230 4.83 16.04 4.83
CA TRP A 230 6.13 15.86 5.47
C TRP A 230 6.50 14.39 5.65
N ALA A 231 5.51 13.51 5.79
CA ALA A 231 5.74 12.11 6.15
C ALA A 231 6.22 11.25 4.99
N TRP A 232 6.05 11.74 3.76
CA TRP A 232 6.23 10.89 2.61
C TRP A 232 7.71 10.47 2.49
N SER A 233 8.64 11.38 2.82
CA SER A 233 10.09 11.10 2.74
C SER A 233 10.51 9.87 3.51
N ASN A 234 10.12 9.80 4.79
CA ASN A 234 10.33 8.60 5.57
C ASN A 234 9.76 7.30 4.99
N ILE A 235 8.63 7.34 4.28
CA ILE A 235 8.09 6.10 3.73
C ILE A 235 8.84 5.68 2.46
N ASP A 236 9.26 6.67 1.68
CA ASP A 236 10.11 6.46 0.51
C ASP A 236 11.33 5.64 0.92
N THR A 237 12.01 6.08 1.99
CA THR A 237 13.17 5.38 2.56
C THR A 237 12.90 3.91 2.92
N SER A 238 11.71 3.66 3.47
CA SER A 238 11.32 2.33 3.93
C SER A 238 11.01 1.41 2.75
N LYS A 239 10.66 2.01 1.61
CA LYS A 239 10.43 1.27 0.36
C LYS A 239 9.02 0.69 0.21
N VAL A 240 8.26 0.69 1.30
CA VAL A 240 6.85 0.30 1.30
C VAL A 240 6.23 0.88 0.04
N ASN A 241 5.41 0.11 -0.67
CA ASN A 241 4.74 0.66 -1.86
C ASN A 241 3.40 1.29 -1.44
N TYR A 242 3.40 2.62 -1.31
CA TYR A 242 2.25 3.32 -0.74
C TYR A 242 1.51 4.15 -1.78
N GLY A 243 0.26 4.49 -1.47
CA GLY A 243 -0.49 5.52 -2.19
C GLY A 243 -0.95 6.59 -1.19
N VAL A 244 -1.32 7.77 -1.70
CA VAL A 244 -1.85 8.84 -0.86
C VAL A 244 -3.20 9.24 -1.45
N THR A 245 -4.27 9.16 -0.66
CA THR A 245 -5.60 9.29 -1.24
C THR A 245 -6.57 10.10 -0.40
N VAL A 246 -7.80 10.24 -0.89
CA VAL A 246 -8.83 10.95 -0.13
C VAL A 246 -9.15 10.22 1.17
N LEU A 247 -9.36 10.97 2.23
CA LEU A 247 -9.79 10.39 3.52
C LEU A 247 -11.15 9.71 3.36
N PRO A 248 -11.42 8.66 4.13
CA PRO A 248 -12.68 7.98 4.05
C PRO A 248 -13.83 8.90 4.48
N THR A 249 -15.03 8.61 3.97
CA THR A 249 -16.22 9.36 4.34
C THR A 249 -16.74 8.83 5.66
N PHE A 250 -17.54 9.63 6.34
CA PHE A 250 -18.21 9.19 7.56
C PHE A 250 -19.67 9.64 7.51
N LYS A 251 -20.58 8.69 7.73
CA LYS A 251 -22.01 8.87 7.46
C LYS A 251 -22.23 9.51 6.10
N GLY A 252 -21.48 9.02 5.09
CA GLY A 252 -21.62 9.52 3.71
C GLY A 252 -21.00 10.89 3.45
N GLN A 253 -20.43 11.51 4.48
CA GLN A 253 -19.90 12.89 4.35
C GLN A 253 -18.36 12.82 4.28
N PRO A 254 -17.73 13.72 3.51
CA PRO A 254 -16.25 13.78 3.50
C PRO A 254 -15.65 14.00 4.90
N SER A 255 -14.52 13.37 5.19
CA SER A 255 -13.73 13.80 6.33
C SER A 255 -13.28 15.24 6.02
N LYS A 256 -13.11 16.03 7.07
CA LYS A 256 -12.91 17.47 6.96
C LYS A 256 -11.66 17.95 7.70
N PRO A 257 -10.48 17.65 7.14
CA PRO A 257 -9.28 18.06 7.86
C PRO A 257 -9.19 19.57 7.95
N PHE A 258 -8.56 20.03 9.02
CA PHE A 258 -8.27 21.46 9.20
C PHE A 258 -7.02 21.75 8.34
N VAL A 259 -7.09 22.74 7.45
CA VAL A 259 -5.98 23.09 6.58
C VAL A 259 -5.04 24.11 7.23
N GLY A 260 -3.75 23.82 7.16
CA GLY A 260 -2.73 24.73 7.66
C GLY A 260 -1.83 25.31 6.58
N VAL A 261 -1.41 26.55 6.79
CA VAL A 261 -0.48 27.23 5.89
C VAL A 261 0.79 27.38 6.71
N LEU A 262 1.77 26.52 6.43
CA LEU A 262 3.08 26.68 7.02
C LEU A 262 3.54 28.12 6.75
N SER A 263 3.93 28.85 7.79
CA SER A 263 4.25 30.28 7.68
C SER A 263 5.51 30.64 8.47
N ALA A 264 6.16 31.73 8.07
CA ALA A 264 7.40 32.15 8.74
C ALA A 264 7.25 33.56 9.23
N GLY A 265 7.29 33.71 10.56
CA GLY A 265 7.08 35.02 11.17
C GLY A 265 8.42 35.55 11.68
N ILE A 266 8.55 36.87 11.76
CA ILE A 266 9.75 37.49 12.28
C ILE A 266 9.51 38.05 13.68
N ASN A 267 10.33 37.61 14.64
CA ASN A 267 10.26 38.06 16.03
C ASN A 267 10.29 39.58 16.14
N ALA A 268 9.39 40.15 16.94
CA ALA A 268 9.34 41.62 17.06
C ALA A 268 10.57 42.15 17.78
N ALA A 269 11.23 41.31 18.56
CA ALA A 269 12.43 41.73 19.28
C ALA A 269 13.69 41.45 18.47
N SER A 270 13.55 40.91 17.26
CA SER A 270 14.72 40.68 16.43
C SER A 270 15.40 41.98 16.01
N PRO A 271 16.71 42.10 16.27
CA PRO A 271 17.50 43.23 15.73
C PRO A 271 17.90 42.97 14.27
N ASN A 272 17.39 41.86 13.72
CA ASN A 272 17.80 41.37 12.39
C ASN A 272 16.68 41.31 11.39
N LYS A 273 15.73 42.23 11.48
CA LYS A 273 14.49 42.15 10.69
C LYS A 273 14.74 42.34 9.18
N GLU A 274 15.69 43.18 8.83
CA GLU A 274 15.95 43.41 7.42
C GLU A 274 16.64 42.18 6.82
N LEU A 275 17.55 41.59 7.58
CA LEU A 275 18.20 40.34 7.19
C LEU A 275 17.20 39.17 7.05
N ALA A 276 16.21 39.15 7.94
CA ALA A 276 15.21 38.09 7.94
C ALA A 276 14.35 38.23 6.70
N LYS A 277 13.93 39.45 6.41
CA LYS A 277 13.12 39.67 5.21
C LYS A 277 13.88 39.29 3.93
N GLU A 278 15.17 39.64 3.88
CA GLU A 278 16.04 39.24 2.77
C GLU A 278 16.10 37.71 2.60
N PHE A 279 16.41 37.00 3.67
CA PHE A 279 16.41 35.55 3.62
C PHE A 279 15.12 34.98 3.04
N LEU A 280 14.00 35.35 3.64
CA LEU A 280 12.71 34.74 3.30
C LEU A 280 12.28 35.12 1.88
N GLU A 281 12.44 36.40 1.54
CA GLU A 281 11.97 36.92 0.27
C GLU A 281 12.88 36.48 -0.89
N ASN A 282 14.19 36.55 -0.68
CA ASN A 282 15.15 36.38 -1.81
C ASN A 282 15.81 35.01 -1.86
N TYR A 283 15.74 34.27 -0.77
CA TYR A 283 16.39 32.99 -0.69
C TYR A 283 15.42 31.82 -0.50
N LEU A 284 14.57 31.89 0.52
CA LEU A 284 13.63 30.79 0.74
C LEU A 284 12.52 30.71 -0.31
N LEU A 285 11.82 31.81 -0.52
CA LEU A 285 10.64 31.80 -1.36
C LEU A 285 11.04 31.98 -2.82
N THR A 286 11.90 31.09 -3.29
CA THR A 286 12.29 31.00 -4.69
C THR A 286 12.10 29.54 -5.08
N ASP A 287 12.03 29.24 -6.38
CA ASP A 287 11.96 27.84 -6.82
C ASP A 287 13.06 27.00 -6.18
N GLU A 288 14.29 27.50 -6.18
CA GLU A 288 15.39 26.69 -5.71
C GLU A 288 15.35 26.55 -4.19
N GLY A 289 14.94 27.63 -3.52
CA GLY A 289 14.85 27.63 -2.07
C GLY A 289 13.81 26.62 -1.59
N LEU A 290 12.65 26.64 -2.22
CA LEU A 290 11.57 25.73 -1.82
C LEU A 290 11.88 24.30 -2.24
N GLU A 291 12.48 24.13 -3.42
CA GLU A 291 12.94 22.83 -3.86
C GLU A 291 13.85 22.15 -2.83
N ALA A 292 14.84 22.90 -2.31
CA ALA A 292 15.78 22.36 -1.32
C ALA A 292 15.04 21.88 -0.05
N VAL A 293 14.12 22.69 0.44
CA VAL A 293 13.33 22.26 1.61
C VAL A 293 12.47 21.05 1.25
N ASN A 294 11.80 21.15 0.10
CA ASN A 294 10.85 20.15 -0.31
C ASN A 294 11.49 18.75 -0.51
N LYS A 295 12.72 18.72 -1.03
CA LYS A 295 13.39 17.45 -1.29
C LYS A 295 13.85 16.80 0.02
N ASP A 296 13.93 17.59 1.08
CA ASP A 296 14.24 17.06 2.40
C ASP A 296 12.96 16.40 2.97
N LYS A 297 11.93 17.23 3.19
CA LYS A 297 10.59 16.77 3.59
C LYS A 297 9.56 17.49 2.73
N PRO A 298 8.63 16.75 2.08
CA PRO A 298 7.71 17.48 1.21
C PRO A 298 6.91 18.52 1.97
N LEU A 299 6.76 19.70 1.34
CA LEU A 299 6.06 20.85 1.89
C LEU A 299 4.54 20.77 1.75
N GLY A 300 4.06 20.04 0.75
CA GLY A 300 2.65 20.14 0.34
C GLY A 300 2.52 20.96 -0.93
N ALA A 301 1.47 21.77 -1.03
CA ALA A 301 1.27 22.68 -2.17
C ALA A 301 1.83 24.05 -1.83
N VAL A 302 2.98 24.39 -2.41
CA VAL A 302 3.70 25.59 -1.97
C VAL A 302 2.97 26.87 -2.35
N ALA A 303 3.28 27.93 -1.61
CA ALA A 303 2.61 29.23 -1.77
C ALA A 303 3.11 29.97 -3.03
N LEU A 304 4.30 29.60 -3.46
CA LEU A 304 4.98 30.28 -4.55
C LEU A 304 4.44 29.76 -5.85
N LYS A 305 3.78 30.63 -6.60
CA LYS A 305 3.03 30.20 -7.78
C LYS A 305 3.87 29.40 -8.79
N SER A 306 5.05 29.90 -9.13
CA SER A 306 5.84 29.18 -10.10
C SER A 306 6.12 27.72 -9.69
N TYR A 307 6.52 27.51 -8.45
CA TYR A 307 6.94 26.15 -8.03
C TYR A 307 5.75 25.24 -7.75
N GLU A 308 4.65 25.82 -7.28
CA GLU A 308 3.41 25.06 -7.12
C GLU A 308 2.96 24.44 -8.46
N GLU A 309 3.06 25.24 -9.53
CA GLU A 309 2.73 24.79 -10.89
C GLU A 309 3.66 23.68 -11.37
N GLU A 310 4.93 23.78 -11.01
CA GLU A 310 5.88 22.74 -11.29
C GLU A 310 5.58 21.39 -10.61
N LEU A 311 5.09 21.45 -9.37
CA LEU A 311 4.85 20.30 -8.53
C LEU A 311 3.45 19.71 -8.67
N ALA A 312 2.53 20.45 -9.30
CA ALA A 312 1.12 20.14 -9.19
C ALA A 312 0.67 18.81 -9.81
N LYS A 313 1.49 18.25 -10.70
CA LYS A 313 1.21 16.94 -11.31
C LYS A 313 1.36 15.74 -10.34
N ASP A 314 2.09 15.92 -9.25
CA ASP A 314 2.25 14.84 -8.28
C ASP A 314 0.86 14.44 -7.71
N PRO A 315 0.40 13.19 -7.98
CA PRO A 315 -0.89 12.73 -7.49
C PRO A 315 -0.99 12.71 -5.97
N ARG A 316 0.14 12.72 -5.26
CA ARG A 316 0.10 12.78 -3.79
C ARG A 316 -0.27 14.23 -3.37
N ILE A 317 0.22 15.19 -4.15
CA ILE A 317 -0.18 16.59 -3.96
C ILE A 317 -1.62 16.86 -4.36
N ALA A 318 -2.07 16.29 -5.48
CA ALA A 318 -3.50 16.27 -5.85
C ALA A 318 -4.43 15.73 -4.76
N ALA A 319 -4.07 14.60 -4.15
CA ALA A 319 -4.82 14.06 -3.01
C ALA A 319 -4.86 15.03 -1.79
N THR A 320 -3.70 15.63 -1.44
CA THR A 320 -3.60 16.63 -0.38
C THR A 320 -4.55 17.81 -0.63
N MET A 321 -4.52 18.33 -1.87
CA MET A 321 -5.40 19.41 -2.25
C MET A 321 -6.88 19.02 -2.28
N GLU A 322 -7.16 17.78 -2.66
CA GLU A 322 -8.56 17.32 -2.64
C GLU A 322 -9.07 17.26 -1.20
N ASN A 323 -8.26 16.71 -0.29
CA ASN A 323 -8.59 16.67 1.14
C ASN A 323 -8.75 18.05 1.77
N ALA A 324 -7.85 18.97 1.45
CA ALA A 324 -7.95 20.36 1.86
C ALA A 324 -9.24 21.02 1.34
N GLN A 325 -9.58 20.75 0.09
CA GLN A 325 -10.81 21.29 -0.47
C GLN A 325 -12.03 20.82 0.31
N LYS A 326 -12.01 19.56 0.74
CA LYS A 326 -13.14 19.02 1.51
C LYS A 326 -13.17 19.46 2.97
N GLY A 327 -12.05 19.98 3.46
CA GLY A 327 -11.95 20.38 4.86
C GLY A 327 -12.13 21.88 4.93
N GLU A 328 -11.51 22.53 5.91
CA GLU A 328 -11.52 23.98 5.98
C GLU A 328 -10.26 24.58 6.57
N ILE A 329 -9.95 25.80 6.16
CA ILE A 329 -8.80 26.51 6.64
C ILE A 329 -8.92 26.71 8.17
N MET A 330 -7.83 26.58 8.90
CA MET A 330 -7.84 26.95 10.31
C MET A 330 -8.07 28.46 10.49
N PRO A 331 -8.87 28.84 11.48
CA PRO A 331 -8.88 30.25 11.89
C PRO A 331 -7.51 30.60 12.48
N ASN A 332 -7.11 31.87 12.40
CA ASN A 332 -5.88 32.29 13.06
C ASN A 332 -6.11 33.12 14.31
N ILE A 333 -7.35 33.14 14.80
CA ILE A 333 -7.71 33.93 15.99
C ILE A 333 -7.01 33.38 17.23
N PRO A 334 -6.75 34.23 18.25
CA PRO A 334 -5.97 33.84 19.43
C PRO A 334 -6.62 32.75 20.27
N GLN A 335 -7.93 32.55 20.07
CA GLN A 335 -8.68 31.55 20.78
C GLN A 335 -8.37 30.14 20.29
N MET A 336 -7.63 30.04 19.18
CA MET A 336 -7.37 28.73 18.59
C MET A 336 -6.58 27.85 19.54
N SER A 337 -5.68 28.50 20.25
CA SER A 337 -4.88 27.83 21.27
C SER A 337 -5.72 27.12 22.33
N ALA A 338 -6.68 27.84 22.90
CA ALA A 338 -7.64 27.26 23.85
C ALA A 338 -8.48 26.14 23.23
N PHE A 339 -8.91 26.36 22.00
CA PHE A 339 -9.66 25.37 21.28
C PHE A 339 -8.87 24.06 21.22
N TRP A 340 -7.63 24.15 20.77
CA TRP A 340 -6.84 22.93 20.61
C TRP A 340 -6.63 22.16 21.92
N TYR A 341 -6.30 22.85 23.01
CA TYR A 341 -6.11 22.13 24.27
C TYR A 341 -7.40 21.53 24.83
N ALA A 342 -8.52 22.23 24.62
CA ALA A 342 -9.84 21.70 24.93
C ALA A 342 -10.12 20.39 24.19
N VAL A 343 -9.98 20.38 22.85
CA VAL A 343 -10.31 19.17 22.10
C VAL A 343 -9.30 18.04 22.35
N ARG A 344 -8.03 18.40 22.49
CA ARG A 344 -6.99 17.42 22.89
C ARG A 344 -7.41 16.64 24.13
N THR A 345 -7.77 17.37 25.19
CA THR A 345 -8.21 16.78 26.47
C THR A 345 -9.47 15.94 26.33
N ALA A 346 -10.45 16.44 25.57
CA ALA A 346 -11.67 15.69 25.30
C ALA A 346 -11.39 14.35 24.61
N VAL A 347 -10.56 14.38 23.56
CA VAL A 347 -10.23 13.15 22.86
C VAL A 347 -9.52 12.14 23.78
N ILE A 348 -8.47 12.57 24.46
CA ILE A 348 -7.76 11.69 25.39
C ILE A 348 -8.72 11.15 26.48
N ASN A 349 -9.56 12.00 27.05
CA ASN A 349 -10.45 11.56 28.13
C ASN A 349 -11.50 10.57 27.64
N ALA A 350 -11.98 10.76 26.42
CA ALA A 350 -12.96 9.87 25.84
C ALA A 350 -12.32 8.56 25.37
N ALA A 351 -11.11 8.65 24.83
CA ALA A 351 -10.43 7.50 24.23
C ALA A 351 -10.00 6.54 25.33
N SER A 352 -9.70 7.09 26.51
CA SER A 352 -9.23 6.25 27.62
C SER A 352 -10.38 5.68 28.45
N GLY A 353 -11.60 6.14 28.19
CA GLY A 353 -12.76 5.73 28.98
C GLY A 353 -12.91 6.50 30.30
N ARG A 354 -12.08 7.50 30.54
CA ARG A 354 -12.30 8.38 31.70
C ARG A 354 -13.64 9.11 31.60
N GLN A 355 -14.00 9.60 30.41
CA GLN A 355 -15.34 10.15 30.24
C GLN A 355 -16.04 9.48 29.07
N THR A 356 -17.36 9.60 29.02
CA THR A 356 -18.09 9.36 27.78
C THR A 356 -17.84 10.54 26.83
N VAL A 357 -18.06 10.31 25.55
CA VAL A 357 -17.91 11.36 24.57
C VAL A 357 -18.75 12.60 24.91
N ASP A 358 -20.00 12.39 25.35
CA ASP A 358 -20.89 13.52 25.73
C ASP A 358 -20.28 14.41 26.79
N GLU A 359 -19.88 13.80 27.90
CA GLU A 359 -19.18 14.48 29.01
C GLU A 359 -17.94 15.19 28.49
N ALA A 360 -17.12 14.44 27.74
CA ALA A 360 -15.85 14.95 27.22
C ALA A 360 -16.05 16.21 26.38
N LEU A 361 -17.02 16.18 25.48
CA LEU A 361 -17.23 17.27 24.54
C LEU A 361 -17.96 18.44 25.18
N LYS A 362 -18.85 18.15 26.15
CA LYS A 362 -19.44 19.22 27.00
C LYS A 362 -18.34 20.07 27.59
N ASP A 363 -17.37 19.43 28.25
CA ASP A 363 -16.28 20.16 28.90
C ASP A 363 -15.50 20.97 27.85
N ALA A 364 -15.24 20.36 26.69
CA ALA A 364 -14.47 21.04 25.64
C ALA A 364 -15.26 22.25 25.17
N GLN A 365 -16.55 22.06 25.00
CA GLN A 365 -17.40 23.15 24.61
C GLN A 365 -17.23 24.32 25.57
N THR A 366 -17.13 24.06 26.86
CA THR A 366 -17.05 25.16 27.82
C THR A 366 -15.63 25.75 27.92
N ASN A 367 -14.61 24.92 27.81
CA ASN A 367 -13.23 25.41 27.81
C ASN A 367 -12.80 26.23 26.56
N ILE A 387 -20.72 22.12 49.77
CA ILE A 387 -22.04 21.48 49.43
C ILE A 387 -21.89 20.78 48.09
N VAL A 388 -21.47 19.52 48.13
CA VAL A 388 -21.09 18.85 46.89
C VAL A 388 -22.25 18.00 46.42
N VAL A 389 -23.26 17.83 47.27
CA VAL A 389 -24.49 17.13 46.88
C VAL A 389 -25.70 18.08 46.90
N TYR A 390 -26.53 18.03 45.86
CA TYR A 390 -27.61 18.98 45.74
C TYR A 390 -28.97 18.26 45.69
N THR A 391 -29.82 18.58 46.67
CA THR A 391 -31.25 18.24 46.67
C THR A 391 -31.97 19.56 46.91
N ASP A 392 -33.25 19.63 46.55
CA ASP A 392 -34.05 20.76 46.96
C ASP A 392 -34.21 20.72 48.48
N ARG A 393 -34.48 21.86 49.07
CA ARG A 393 -34.68 21.93 50.50
C ARG A 393 -35.98 21.24 50.89
N GLU A 394 -37.07 21.53 50.19
CA GLU A 394 -38.41 21.16 50.63
C GLU A 394 -39.31 21.12 49.40
N VAL A 395 -40.09 20.06 49.26
CA VAL A 395 -41.03 19.93 48.15
C VAL A 395 -42.45 19.73 48.68
N HIS A 396 -43.43 20.33 48.00
CA HIS A 396 -44.84 20.16 48.38
C HIS A 396 -45.58 19.45 47.26
N GLY A 397 -46.29 18.38 47.60
CA GLY A 397 -47.13 17.70 46.61
C GLY A 397 -48.60 17.63 47.03
N ALA A 398 -49.48 17.43 46.06
CA ALA A 398 -50.89 17.16 46.35
C ALA A 398 -51.10 15.65 46.37
N VAL A 399 -52.05 15.16 47.17
CA VAL A 399 -52.46 13.76 47.08
C VAL A 399 -52.82 13.39 45.61
N GLY A 400 -52.37 12.22 45.17
CA GLY A 400 -52.57 11.79 43.78
C GLY A 400 -51.42 12.18 42.86
N SER A 401 -50.67 13.22 43.22
CA SER A 401 -49.60 13.73 42.37
C SER A 401 -48.29 12.94 42.45
N GLN A 402 -47.35 13.29 41.59
CA GLN A 402 -46.04 12.70 41.68
C GLN A 402 -45.07 13.82 41.96
N VAL A 403 -43.97 13.52 42.63
CA VAL A 403 -42.97 14.51 42.93
C VAL A 403 -41.60 14.01 42.46
N THR A 404 -40.79 14.87 41.85
CA THR A 404 -39.41 14.45 41.59
C THR A 404 -38.45 14.85 42.71
N LEU A 405 -37.72 13.85 43.21
CA LEU A 405 -36.74 14.06 44.27
C LEU A 405 -35.37 14.12 43.64
N HIS A 406 -34.97 15.34 43.29
CA HIS A 406 -33.70 15.53 42.62
C HIS A 406 -32.57 15.18 43.55
N CYS A 407 -31.53 14.54 43.01
CA CYS A 407 -30.26 14.45 43.70
C CYS A 407 -29.14 14.48 42.67
N SER A 408 -28.18 15.37 42.85
CA SER A 408 -26.97 15.38 41.99
C SER A 408 -25.74 15.75 42.79
N PHE A 409 -24.56 15.47 42.26
CA PHE A 409 -23.36 15.85 42.98
C PHE A 409 -22.27 16.35 42.04
N TRP A 410 -21.27 17.02 42.61
CA TRP A 410 -20.06 17.43 41.86
C TRP A 410 -18.85 16.71 42.44
N SER A 411 -17.92 16.28 41.59
CA SER A 411 -16.69 15.73 42.10
C SER A 411 -15.53 15.93 41.16
N SER A 412 -14.34 15.90 41.74
CA SER A 412 -13.07 15.90 41.04
C SER A 412 -12.80 14.51 40.38
N GLU A 413 -13.41 13.45 40.92
CA GLU A 413 -13.31 12.11 40.30
C GLU A 413 -14.20 11.94 39.05
N TRP A 414 -13.59 11.30 38.03
CA TRP A 414 -14.35 10.49 37.06
C TRP A 414 -15.45 9.64 37.72
N VAL A 415 -16.41 9.27 36.87
CA VAL A 415 -17.61 8.63 37.35
C VAL A 415 -17.27 7.15 37.42
N SER A 416 -17.34 6.58 38.61
CA SER A 416 -16.80 5.25 38.83
C SER A 416 -17.56 4.21 38.03
N ASP A 417 -18.87 4.14 38.19
CA ASP A 417 -19.53 2.87 37.83
C ASP A 417 -18.74 1.72 38.42
N ASP A 418 -19.29 0.94 39.34
CA ASP A 418 -19.30 1.13 40.82
C ASP A 418 -19.81 2.33 41.62
N ILE A 419 -20.12 3.44 40.97
CA ILE A 419 -20.87 4.50 41.64
C ILE A 419 -22.12 3.94 42.32
N SER A 420 -22.39 4.36 43.55
CA SER A 420 -23.64 4.00 44.20
C SER A 420 -24.45 5.22 44.69
N PHE A 421 -25.78 5.08 44.66
CA PHE A 421 -26.72 6.05 45.22
C PHE A 421 -27.64 5.27 46.18
N THR A 422 -27.92 5.84 47.35
CA THR A 422 -28.90 5.28 48.27
C THR A 422 -29.88 6.35 48.73
N TRP A 423 -31.18 6.08 48.60
CA TRP A 423 -32.19 6.97 49.18
C TRP A 423 -32.72 6.36 50.47
N ARG A 424 -32.76 7.16 51.53
CA ARG A 424 -33.42 6.73 52.75
C ARG A 424 -34.58 7.66 53.01
N TYR A 425 -35.52 7.14 53.79
CA TYR A 425 -36.71 7.88 54.14
C TYR A 425 -36.93 7.77 55.65
N GLN A 426 -37.29 8.89 56.24
CA GLN A 426 -37.64 8.95 57.65
C GLN A 426 -39.01 9.62 57.72
N PRO A 427 -40.04 8.86 58.13
CA PRO A 427 -41.39 9.46 58.25
C PRO A 427 -41.38 10.64 59.22
N GLU A 428 -42.25 11.59 58.98
CA GLU A 428 -42.34 12.79 59.80
C GLU A 428 -42.78 12.36 61.20
N GLY A 429 -42.19 12.97 62.22
CA GLY A 429 -42.45 12.56 63.60
C GLY A 429 -41.84 11.22 63.95
N GLY A 430 -41.30 10.55 62.93
CA GLY A 430 -40.72 9.21 63.10
C GLY A 430 -39.31 9.22 63.65
N ARG A 431 -38.75 8.02 63.75
CA ARG A 431 -37.58 7.75 64.58
C ARG A 431 -36.37 7.44 63.70
N ASP A 432 -36.54 6.43 62.83
CA ASP A 432 -35.43 5.86 62.07
C ASP A 432 -35.61 6.01 60.54
N ALA A 433 -34.49 6.17 59.85
CA ALA A 433 -34.48 6.31 58.41
C ALA A 433 -34.22 4.96 57.78
N ILE A 434 -35.13 4.55 56.90
CA ILE A 434 -35.01 3.27 56.22
C ILE A 434 -34.69 3.45 54.71
N SER A 435 -33.88 2.56 54.15
CA SER A 435 -33.56 2.57 52.74
C SER A 435 -34.82 2.24 51.95
N ILE A 436 -35.00 2.95 50.84
CA ILE A 436 -36.15 2.75 49.97
C ILE A 436 -35.73 2.48 48.52
N PHE A 437 -34.52 2.91 48.18
CA PHE A 437 -34.02 2.74 46.83
C PHE A 437 -32.51 2.62 46.88
N HIS A 438 -31.95 1.74 46.05
CA HIS A 438 -30.51 1.58 45.95
C HIS A 438 -30.05 1.44 44.48
N TYR A 439 -29.06 2.24 44.07
CA TYR A 439 -28.40 2.03 42.79
C TYR A 439 -26.96 1.57 43.02
N ALA A 440 -26.62 0.43 42.46
CA ALA A 440 -25.31 -0.14 42.69
C ALA A 440 -24.94 -1.05 41.53
N LYS A 441 -23.66 -1.01 41.14
CA LYS A 441 -23.12 -1.86 40.09
C LYS A 441 -24.00 -1.84 38.86
N GLY A 442 -24.55 -0.68 38.54
CA GLY A 442 -25.09 -0.42 37.24
C GLY A 442 -26.58 -0.61 37.16
N GLN A 443 -27.19 -0.99 38.27
CA GLN A 443 -28.61 -1.35 38.30
C GLN A 443 -29.37 -0.67 39.46
N PRO A 444 -30.56 -0.14 39.17
CA PRO A 444 -31.47 0.34 40.22
C PRO A 444 -32.26 -0.79 40.86
N TYR A 445 -32.25 -0.85 42.20
CA TYR A 445 -33.15 -1.74 42.95
C TYR A 445 -34.09 -0.89 43.80
N ILE A 446 -35.38 -1.14 43.68
CA ILE A 446 -36.35 -0.65 44.68
C ILE A 446 -36.32 -1.55 45.91
N ASP A 447 -37.13 -1.24 46.91
CA ASP A 447 -37.33 -2.14 48.05
C ASP A 447 -38.78 -2.61 48.16
N GLU A 448 -38.97 -3.93 48.09
CA GLU A 448 -40.29 -4.55 48.26
C GLU A 448 -40.88 -4.43 49.67
N VAL A 449 -40.01 -4.23 50.67
CA VAL A 449 -40.43 -3.81 52.01
C VAL A 449 -41.26 -2.53 51.89
N GLY A 450 -40.90 -1.69 50.93
CA GLY A 450 -41.32 -0.28 50.89
C GLY A 450 -42.79 0.06 51.13
N THR A 451 -43.02 1.11 51.92
CA THR A 451 -44.29 1.80 51.91
C THR A 451 -44.42 2.59 50.60
N PHE A 452 -43.34 2.60 49.80
CA PHE A 452 -43.34 3.23 48.47
C PHE A 452 -43.26 2.22 47.34
N LYS A 453 -43.50 0.94 47.65
CA LYS A 453 -43.38 -0.11 46.65
C LYS A 453 -44.32 0.15 45.49
N GLU A 454 -43.81 -0.02 44.27
CA GLU A 454 -44.54 0.27 43.03
C GLU A 454 -44.85 1.75 42.79
N ARG A 455 -44.32 2.62 43.63
CA ARG A 455 -44.50 4.08 43.50
C ARG A 455 -43.15 4.83 43.31
N ILE A 456 -42.04 4.10 43.45
CA ILE A 456 -40.73 4.69 43.15
C ILE A 456 -40.38 4.51 41.68
N GLN A 457 -39.88 5.59 41.08
CA GLN A 457 -39.34 5.52 39.73
C GLN A 457 -37.91 6.09 39.70
N TRP A 458 -36.97 5.32 39.14
CA TRP A 458 -35.59 5.78 38.94
C TRP A 458 -35.52 6.71 37.72
N VAL A 459 -35.00 7.92 37.88
CA VAL A 459 -34.84 8.81 36.71
C VAL A 459 -33.44 9.37 36.61
N GLY A 460 -32.52 8.79 37.37
CA GLY A 460 -31.17 9.30 37.44
C GLY A 460 -30.35 8.89 36.24
N ASP A 461 -29.11 9.35 36.20
CA ASP A 461 -28.16 8.86 35.23
C ASP A 461 -26.80 9.09 35.82
N PRO A 462 -26.14 8.00 36.23
CA PRO A 462 -24.86 8.09 36.89
C PRO A 462 -23.83 8.80 36.04
N ARG A 463 -23.96 8.73 34.71
CA ARG A 463 -22.97 9.38 33.87
C ARG A 463 -22.99 10.90 34.01
N TRP A 464 -24.14 11.46 34.35
CA TRP A 464 -24.24 12.88 34.68
C TRP A 464 -24.33 13.12 36.20
N LYS A 465 -23.87 12.15 36.99
CA LYS A 465 -23.81 12.32 38.44
C LYS A 465 -25.17 12.72 39.02
N ASP A 466 -26.23 12.04 38.58
CA ASP A 466 -27.60 12.33 38.98
C ASP A 466 -28.21 11.04 39.54
N GLY A 467 -28.84 11.13 40.72
CA GLY A 467 -29.44 9.97 41.37
C GLY A 467 -30.93 10.12 41.64
N SER A 468 -31.60 10.95 40.83
CA SER A 468 -32.96 11.37 41.16
C SER A 468 -33.98 10.25 41.05
N ILE A 469 -35.04 10.35 41.86
CA ILE A 469 -36.18 9.44 41.78
C ILE A 469 -37.48 10.24 41.75
N VAL A 470 -38.56 9.58 41.32
CA VAL A 470 -39.88 10.16 41.38
C VAL A 470 -40.71 9.26 42.29
N ILE A 471 -41.47 9.88 43.18
CA ILE A 471 -42.50 9.16 43.95
C ILE A 471 -43.86 9.44 43.35
N HIS A 472 -44.55 8.38 42.91
CA HIS A 472 -45.88 8.50 42.30
C HIS A 472 -47.06 8.36 43.28
N ASN A 473 -48.21 8.88 42.86
CA ASN A 473 -49.47 8.76 43.59
C ASN A 473 -49.34 9.07 45.09
N LEU A 474 -49.01 10.32 45.38
CA LEU A 474 -48.75 10.76 46.76
C LEU A 474 -49.92 10.49 47.71
N ASP A 475 -49.58 10.08 48.93
CA ASP A 475 -50.53 10.03 50.04
C ASP A 475 -50.12 10.93 51.20
N TYR A 476 -51.10 11.45 51.94
CA TYR A 476 -50.86 12.22 53.16
C TYR A 476 -49.75 11.64 54.05
N SER A 477 -49.71 10.32 54.20
CA SER A 477 -48.78 9.69 55.12
C SER A 477 -47.37 9.50 54.53
N ASP A 478 -47.17 9.97 53.31
CA ASP A 478 -45.83 10.03 52.73
C ASP A 478 -44.96 11.12 53.39
N ASN A 479 -45.57 12.06 54.09
CA ASN A 479 -44.78 13.07 54.80
C ASN A 479 -43.51 12.52 55.43
N GLY A 480 -42.39 13.14 55.08
CA GLY A 480 -41.13 12.84 55.73
C GLY A 480 -39.92 13.46 55.05
N THR A 481 -38.74 13.05 55.52
CA THR A 481 -37.48 13.59 55.05
C THR A 481 -36.75 12.48 54.28
N PHE A 482 -36.37 12.78 53.04
CA PHE A 482 -35.61 11.80 52.25
C PHE A 482 -34.15 12.20 52.24
N THR A 483 -33.24 11.23 52.33
CA THR A 483 -31.82 11.53 52.25
C THR A 483 -31.21 10.78 51.09
N CYS A 484 -30.50 11.50 50.22
CA CYS A 484 -29.72 10.94 49.16
C CYS A 484 -28.25 10.82 49.61
N ASP A 485 -27.65 9.66 49.35
CA ASP A 485 -26.28 9.33 49.74
C ASP A 485 -25.57 8.80 48.52
N VAL A 486 -24.46 9.45 48.16
CA VAL A 486 -23.74 9.15 46.95
C VAL A 486 -22.31 8.72 47.30
N LYS A 487 -21.87 7.62 46.72
CA LYS A 487 -20.47 7.19 46.78
C LYS A 487 -19.95 6.89 45.38
N ASN A 488 -18.82 7.49 45.04
CA ASN A 488 -18.24 7.40 43.70
C ASN A 488 -16.75 7.10 43.83
N PRO A 489 -16.41 5.80 43.90
CA PRO A 489 -15.33 5.06 44.54
C PRO A 489 -14.05 5.01 43.78
N PRO A 490 -13.21 6.05 43.84
CA PRO A 490 -12.33 6.74 44.78
C PRO A 490 -12.55 7.04 46.28
N ASP A 491 -13.05 8.21 46.68
CA ASP A 491 -14.43 8.57 47.02
C ASP A 491 -15.48 7.56 47.48
N ILE A 492 -15.06 6.67 48.38
CA ILE A 492 -15.96 5.70 48.99
C ILE A 492 -16.63 6.27 50.24
N VAL A 493 -16.34 7.53 50.57
CA VAL A 493 -17.02 8.18 51.66
C VAL A 493 -18.37 8.76 51.17
N GLY A 494 -19.45 8.40 51.86
CA GLY A 494 -20.79 8.92 51.54
C GLY A 494 -21.00 10.42 51.71
N LYS A 495 -21.32 11.13 50.62
CA LYS A 495 -21.84 12.49 50.75
C LYS A 495 -23.37 12.47 50.66
N THR A 496 -24.03 13.23 51.55
CA THR A 496 -25.49 13.16 51.69
C THR A 496 -26.11 14.54 51.55
N SER A 497 -27.37 14.57 51.15
CA SER A 497 -28.19 15.75 51.26
C SER A 497 -29.62 15.32 51.50
N GLN A 498 -30.42 16.18 52.11
CA GLN A 498 -31.78 15.81 52.54
C GLN A 498 -32.81 16.68 51.88
N VAL A 499 -33.98 16.11 51.60
CA VAL A 499 -35.11 16.90 51.12
C VAL A 499 -36.35 16.48 51.89
N THR A 500 -37.12 17.46 52.38
CA THR A 500 -38.35 17.18 53.14
C THR A 500 -39.60 17.33 52.28
N LEU A 501 -40.47 16.34 52.35
CA LEU A 501 -41.72 16.29 51.57
C LEU A 501 -42.91 16.55 52.47
N TYR A 502 -43.76 17.49 52.06
CA TYR A 502 -45.07 17.71 52.68
C TYR A 502 -46.13 17.46 51.63
N VAL A 503 -47.14 16.66 51.97
CA VAL A 503 -48.26 16.45 51.04
C VAL A 503 -49.55 17.10 51.49
N PHE A 504 -50.20 17.75 50.54
CA PHE A 504 -51.40 18.56 50.80
C PHE A 504 -52.60 18.05 50.01
N GLU A 505 -53.79 18.37 50.50
CA GLU A 505 -54.98 18.35 49.68
C GLU A 505 -54.77 19.26 48.46
N LYS A 506 -54.31 20.50 48.73
CA LYS A 506 -54.07 21.50 47.69
C LYS A 506 -52.81 22.38 47.94
N VAL A 507 -53.02 23.64 48.35
CA VAL A 507 -52.04 24.77 48.30
C VAL A 507 -51.17 24.92 47.04
N LYS B 1 -17.12 -33.00 -33.68
CA LYS B 1 -18.43 -32.56 -34.25
C LYS B 1 -18.45 -31.05 -34.55
N ILE B 2 -17.83 -30.70 -35.67
CA ILE B 2 -17.80 -29.33 -36.16
C ILE B 2 -18.80 -29.20 -37.31
N GLU B 3 -19.81 -28.31 -37.19
CA GLU B 3 -20.64 -27.92 -38.37
C GLU B 3 -19.72 -27.22 -39.34
N GLU B 4 -19.58 -27.72 -40.57
CA GLU B 4 -20.64 -27.83 -41.57
C GLU B 4 -21.63 -26.71 -41.83
N GLY B 5 -21.26 -25.92 -42.83
CA GLY B 5 -22.07 -24.81 -43.30
C GLY B 5 -21.60 -23.47 -42.77
N LYS B 6 -20.65 -23.48 -41.82
CA LYS B 6 -20.15 -22.25 -41.21
C LYS B 6 -18.69 -22.34 -40.74
N LEU B 7 -18.15 -21.20 -40.32
CA LEU B 7 -16.79 -21.16 -39.77
C LEU B 7 -16.81 -20.65 -38.34
N VAL B 8 -16.14 -21.37 -37.46
CA VAL B 8 -15.83 -20.91 -36.09
C VAL B 8 -14.31 -20.64 -36.00
N ILE B 9 -13.98 -19.48 -35.47
CA ILE B 9 -12.63 -18.97 -35.43
C ILE B 9 -12.27 -18.72 -33.96
N TRP B 10 -11.13 -19.23 -33.53
CA TRP B 10 -10.57 -18.86 -32.23
C TRP B 10 -9.38 -17.94 -32.41
N ILE B 11 -9.37 -16.84 -31.65
CA ILE B 11 -8.26 -15.90 -31.64
C ILE B 11 -8.13 -15.39 -30.22
N ASN B 12 -6.94 -14.99 -29.80
CA ASN B 12 -6.76 -14.54 -28.43
C ASN B 12 -7.40 -13.16 -28.20
N GLY B 13 -7.92 -12.95 -26.98
CA GLY B 13 -8.71 -11.76 -26.67
C GLY B 13 -7.96 -10.45 -26.65
N ASP B 14 -6.63 -10.50 -26.75
CA ASP B 14 -5.86 -9.28 -26.81
C ASP B 14 -5.73 -8.78 -28.26
N LYS B 15 -6.02 -9.65 -29.23
CA LYS B 15 -5.97 -9.27 -30.64
C LYS B 15 -7.30 -8.67 -31.12
N GLY B 16 -7.34 -8.25 -32.39
CA GLY B 16 -8.46 -7.50 -32.93
C GLY B 16 -9.63 -8.37 -33.35
N TYR B 17 -10.28 -9.02 -32.38
CA TYR B 17 -11.36 -9.94 -32.71
C TYR B 17 -12.62 -9.27 -33.31
N ASN B 18 -12.88 -8.01 -32.95
CA ASN B 18 -14.00 -7.30 -33.57
C ASN B 18 -13.70 -6.89 -35.00
N GLY B 19 -12.46 -6.50 -35.28
CA GLY B 19 -12.01 -6.33 -36.65
C GLY B 19 -12.14 -7.59 -37.49
N LEU B 20 -11.77 -8.73 -36.91
CA LEU B 20 -11.87 -10.01 -37.62
C LEU B 20 -13.34 -10.38 -37.88
N ALA B 21 -14.16 -10.21 -36.84
CA ALA B 21 -15.61 -10.46 -36.93
C ALA B 21 -16.27 -9.61 -38.02
N GLU B 22 -15.84 -8.36 -38.15
CA GLU B 22 -16.27 -7.49 -39.27
C GLU B 22 -15.87 -8.02 -40.65
N VAL B 23 -14.70 -8.66 -40.75
CA VAL B 23 -14.30 -9.38 -41.96
C VAL B 23 -15.19 -10.61 -42.22
N GLY B 24 -15.58 -11.28 -41.15
CA GLY B 24 -16.48 -12.42 -41.24
C GLY B 24 -17.86 -11.97 -41.74
N LYS B 25 -18.29 -10.80 -41.30
CA LYS B 25 -19.57 -10.25 -41.75
C LYS B 25 -19.59 -9.90 -43.21
N LYS B 26 -18.45 -9.47 -43.74
CA LYS B 26 -18.30 -9.29 -45.19
C LYS B 26 -18.32 -10.62 -45.94
N PHE B 27 -17.61 -11.61 -45.42
CA PHE B 27 -17.68 -12.97 -45.96
C PHE B 27 -19.13 -13.46 -46.10
N GLU B 28 -19.87 -13.34 -45.00
CA GLU B 28 -21.28 -13.71 -44.92
C GLU B 28 -22.09 -13.18 -46.08
N LYS B 29 -21.75 -11.97 -46.50
CA LYS B 29 -22.58 -11.22 -47.44
C LYS B 29 -22.42 -11.67 -48.89
N ASP B 30 -21.19 -11.96 -49.31
CA ASP B 30 -20.99 -12.93 -50.37
C ASP B 30 -21.27 -14.34 -49.81
N THR B 31 -20.74 -15.37 -50.46
CA THR B 31 -20.70 -16.74 -49.92
C THR B 31 -21.41 -16.83 -48.56
N GLY B 32 -22.73 -17.02 -48.59
CA GLY B 32 -23.59 -16.76 -47.43
C GLY B 32 -23.36 -17.63 -46.20
N ILE B 33 -22.12 -17.74 -45.75
CA ILE B 33 -21.88 -18.51 -44.56
C ILE B 33 -21.49 -17.70 -43.33
N LYS B 34 -22.09 -18.04 -42.21
CA LYS B 34 -21.84 -17.35 -40.95
C LYS B 34 -20.43 -17.62 -40.41
N VAL B 35 -19.78 -16.57 -39.91
CA VAL B 35 -18.45 -16.67 -39.32
C VAL B 35 -18.53 -16.21 -37.86
N THR B 36 -18.34 -17.14 -36.93
CA THR B 36 -18.35 -16.82 -35.52
C THR B 36 -16.89 -16.68 -35.03
N VAL B 37 -16.58 -15.55 -34.41
CA VAL B 37 -15.25 -15.31 -33.83
C VAL B 37 -15.35 -15.41 -32.31
N GLU B 38 -14.58 -16.33 -31.72
CA GLU B 38 -14.55 -16.48 -30.27
C GLU B 38 -13.14 -16.26 -29.75
N HIS B 39 -13.01 -16.01 -28.44
CA HIS B 39 -11.71 -15.79 -27.80
C HIS B 39 -11.59 -16.51 -26.46
N PRO B 40 -11.57 -17.86 -26.47
CA PRO B 40 -11.55 -18.57 -25.20
C PRO B 40 -10.25 -18.35 -24.45
N ASP B 41 -10.32 -18.41 -23.12
CA ASP B 41 -9.12 -18.40 -22.28
C ASP B 41 -8.30 -19.63 -22.62
N LYS B 42 -6.98 -19.48 -22.61
CA LYS B 42 -6.04 -20.57 -22.89
C LYS B 42 -6.38 -21.34 -24.14
N LEU B 43 -6.83 -20.65 -25.18
CA LEU B 43 -7.13 -21.36 -26.42
C LEU B 43 -5.94 -22.21 -26.97
N GLU B 44 -4.69 -21.76 -26.73
CA GLU B 44 -3.50 -22.49 -27.21
C GLU B 44 -3.43 -23.88 -26.61
N GLU B 45 -3.95 -24.01 -25.39
CA GLU B 45 -4.02 -25.28 -24.69
C GLU B 45 -5.30 -26.04 -25.02
N LYS B 46 -6.40 -25.31 -25.12
CA LYS B 46 -7.70 -25.90 -25.36
C LYS B 46 -7.73 -26.61 -26.72
N PHE B 47 -7.16 -25.98 -27.74
CA PHE B 47 -7.19 -26.51 -29.09
C PHE B 47 -6.78 -27.98 -29.18
N PRO B 48 -5.55 -28.32 -28.74
CA PRO B 48 -5.20 -29.74 -28.89
C PRO B 48 -6.06 -30.65 -28.04
N GLN B 49 -6.51 -30.16 -26.87
CA GLN B 49 -7.34 -30.96 -25.96
C GLN B 49 -8.61 -31.50 -26.64
N VAL B 50 -9.27 -30.64 -27.42
CA VAL B 50 -10.53 -30.98 -28.07
C VAL B 50 -10.36 -31.40 -29.54
N ALA B 51 -9.28 -30.93 -30.17
CA ALA B 51 -8.99 -31.33 -31.54
C ALA B 51 -8.62 -32.81 -31.64
N ALA B 52 -8.10 -33.41 -30.55
CA ALA B 52 -7.73 -34.84 -30.62
C ALA B 52 -8.95 -35.73 -30.76
N THR B 53 -10.13 -35.16 -30.43
CA THR B 53 -11.42 -35.82 -30.61
C THR B 53 -12.08 -35.47 -31.93
N GLY B 54 -11.56 -34.46 -32.62
CA GLY B 54 -12.13 -34.02 -33.89
C GLY B 54 -13.10 -32.86 -33.70
N ASP B 55 -13.01 -32.22 -32.54
CA ASP B 55 -13.71 -30.98 -32.24
C ASP B 55 -12.80 -29.74 -32.32
N GLY B 56 -13.26 -28.61 -31.77
CA GLY B 56 -12.55 -27.33 -31.84
C GLY B 56 -13.09 -26.44 -32.95
N PRO B 57 -12.44 -25.27 -33.17
CA PRO B 57 -12.87 -24.34 -34.23
C PRO B 57 -12.45 -24.87 -35.60
N ASP B 58 -12.97 -24.27 -36.66
CA ASP B 58 -12.46 -24.50 -38.01
C ASP B 58 -11.09 -23.86 -38.21
N ILE B 59 -10.93 -22.65 -37.69
CA ILE B 59 -9.64 -22.01 -37.76
C ILE B 59 -9.11 -21.48 -36.43
N ILE B 60 -7.82 -21.68 -36.21
CA ILE B 60 -7.21 -21.26 -34.97
C ILE B 60 -6.12 -20.26 -35.27
N PHE B 61 -6.18 -19.11 -34.60
CA PHE B 61 -5.16 -18.06 -34.74
C PHE B 61 -4.27 -18.10 -33.52
N TRP B 62 -2.96 -18.17 -33.75
CA TRP B 62 -1.95 -18.05 -32.69
C TRP B 62 -0.60 -17.73 -33.30
N ALA B 63 0.36 -17.32 -32.48
CA ALA B 63 1.75 -17.21 -32.92
C ALA B 63 2.21 -18.57 -33.41
N HIS B 64 3.17 -18.57 -34.36
CA HIS B 64 3.57 -19.78 -35.03
C HIS B 64 4.15 -20.86 -34.11
N ASP B 65 4.65 -20.45 -32.93
CA ASP B 65 5.40 -21.38 -32.10
C ASP B 65 4.60 -22.63 -31.74
N ARG B 66 3.30 -22.48 -31.54
CA ARG B 66 2.47 -23.62 -31.10
C ARG B 66 2.07 -24.62 -32.18
N PHE B 67 2.24 -24.23 -33.43
CA PHE B 67 1.70 -24.94 -34.60
C PHE B 67 2.44 -26.21 -34.98
N GLY B 68 3.77 -26.25 -34.78
CA GLY B 68 4.55 -27.49 -34.94
C GLY B 68 4.06 -28.66 -34.06
N GLY B 69 3.80 -28.37 -32.77
CA GLY B 69 3.10 -29.33 -31.90
C GLY B 69 1.77 -29.84 -32.48
N TYR B 70 0.92 -28.90 -32.89
CA TYR B 70 -0.37 -29.20 -33.48
C TYR B 70 -0.23 -30.07 -34.72
N ALA B 71 0.72 -29.73 -35.57
CA ALA B 71 0.94 -30.44 -36.82
C ALA B 71 1.56 -31.82 -36.55
N GLN B 72 2.47 -31.89 -35.58
CA GLN B 72 3.09 -33.17 -35.21
C GLN B 72 2.01 -34.18 -34.78
N SER B 73 1.01 -33.69 -34.07
CA SER B 73 -0.14 -34.48 -33.62
C SER B 73 -1.20 -34.70 -34.73
N GLY B 74 -1.05 -34.03 -35.87
CA GLY B 74 -1.93 -34.24 -37.03
C GLY B 74 -3.25 -33.49 -36.89
N LEU B 75 -3.20 -32.34 -36.20
CA LEU B 75 -4.40 -31.57 -35.87
C LEU B 75 -4.74 -30.48 -36.90
N LEU B 76 -3.83 -30.26 -37.84
CA LEU B 76 -3.97 -29.21 -38.83
C LEU B 76 -4.03 -29.77 -40.24
N ALA B 77 -4.67 -29.04 -41.14
CA ALA B 77 -4.72 -29.43 -42.53
C ALA B 77 -3.54 -28.80 -43.23
N GLU B 78 -2.93 -29.54 -44.14
CA GLU B 78 -1.88 -28.97 -44.94
C GLU B 78 -2.52 -27.92 -45.84
N ILE B 79 -1.88 -26.76 -45.96
CA ILE B 79 -2.43 -25.73 -46.83
C ILE B 79 -1.70 -25.71 -48.16
N THR B 80 -2.44 -25.45 -49.23
CA THR B 80 -1.85 -25.42 -50.56
C THR B 80 -2.34 -24.18 -51.31
N PRO B 81 -1.73 -23.04 -51.02
CA PRO B 81 -1.92 -21.90 -51.87
C PRO B 81 -1.08 -22.08 -53.13
N ASP B 82 -1.62 -21.66 -54.26
CA ASP B 82 -0.87 -21.64 -55.50
C ASP B 82 0.24 -20.59 -55.40
N LYS B 83 1.13 -20.58 -56.37
CA LYS B 83 2.33 -19.74 -56.29
C LYS B 83 1.98 -18.25 -56.38
N ALA B 84 0.86 -17.95 -57.04
CA ALA B 84 0.39 -16.58 -57.17
C ALA B 84 0.15 -15.99 -55.78
N PHE B 85 -0.62 -16.71 -54.96
CA PHE B 85 -0.96 -16.26 -53.63
C PHE B 85 0.26 -16.27 -52.71
N GLN B 86 1.09 -17.31 -52.83
CA GLN B 86 2.33 -17.38 -52.09
C GLN B 86 3.19 -16.14 -52.28
N ASP B 87 3.27 -15.65 -53.52
CA ASP B 87 4.12 -14.49 -53.86
C ASP B 87 3.67 -13.19 -53.21
N LYS B 88 2.44 -13.17 -52.68
CA LYS B 88 1.90 -11.96 -52.06
C LYS B 88 2.37 -11.74 -50.60
N LEU B 89 2.87 -12.81 -49.97
CA LEU B 89 3.40 -12.75 -48.61
C LEU B 89 4.91 -12.88 -48.63
N TYR B 90 5.59 -12.30 -47.66
CA TYR B 90 7.04 -12.46 -47.59
C TYR B 90 7.44 -13.90 -47.36
N PRO B 91 8.50 -14.37 -48.06
CA PRO B 91 8.96 -15.76 -47.94
C PRO B 91 9.33 -16.14 -46.51
N PHE B 92 9.95 -15.23 -45.75
CA PHE B 92 10.28 -15.53 -44.34
C PHE B 92 9.05 -15.82 -43.47
N THR B 93 7.91 -15.22 -43.82
CA THR B 93 6.70 -15.47 -43.07
C THR B 93 6.12 -16.87 -43.35
N TRP B 94 6.23 -17.35 -44.59
CA TRP B 94 5.92 -18.77 -44.90
C TRP B 94 6.87 -19.75 -44.20
N ASP B 95 8.13 -19.39 -44.06
CA ASP B 95 9.07 -20.28 -43.37
C ASP B 95 8.60 -20.58 -41.97
N ALA B 96 8.05 -19.56 -41.31
CA ALA B 96 7.61 -19.66 -39.93
C ALA B 96 6.49 -20.68 -39.76
N VAL B 97 5.76 -20.92 -40.84
CA VAL B 97 4.64 -21.84 -40.79
C VAL B 97 4.87 -23.10 -41.60
N ARG B 98 6.13 -23.38 -41.92
CA ARG B 98 6.46 -24.68 -42.47
C ARG B 98 6.89 -25.68 -41.40
N TYR B 99 6.31 -26.85 -41.43
CA TYR B 99 6.64 -27.87 -40.44
C TYR B 99 6.83 -29.16 -41.20
N ASN B 100 7.97 -29.79 -40.98
CA ASN B 100 8.23 -31.04 -41.66
C ASN B 100 8.04 -30.91 -43.16
N GLY B 101 8.41 -29.76 -43.71
CA GLY B 101 8.43 -29.57 -45.15
C GLY B 101 7.09 -29.15 -45.72
N LYS B 102 6.05 -29.14 -44.89
CA LYS B 102 4.71 -28.76 -45.31
C LYS B 102 4.29 -27.42 -44.69
N LEU B 103 3.58 -26.61 -45.48
CA LEU B 103 2.86 -25.43 -44.96
C LEU B 103 1.66 -25.87 -44.14
N ILE B 104 1.60 -25.48 -42.87
CA ILE B 104 0.48 -25.88 -42.01
C ILE B 104 -0.34 -24.73 -41.42
N ALA B 105 -0.17 -23.53 -41.97
CA ALA B 105 -0.97 -22.38 -41.55
C ALA B 105 -0.69 -21.22 -42.49
N TYR B 106 -1.54 -20.20 -42.44
CA TYR B 106 -1.28 -18.96 -43.16
C TYR B 106 -0.68 -17.92 -42.22
N PRO B 107 0.45 -17.31 -42.60
CA PRO B 107 1.00 -16.20 -41.78
C PRO B 107 0.23 -14.87 -41.94
N ILE B 108 0.02 -14.18 -40.83
CA ILE B 108 -0.81 -12.95 -40.84
C ILE B 108 0.06 -11.71 -40.59
N ALA B 109 0.91 -11.79 -39.56
CA ALA B 109 1.68 -10.64 -39.10
C ALA B 109 2.84 -10.99 -38.14
N VAL B 110 3.91 -10.22 -38.20
CA VAL B 110 5.06 -10.40 -37.35
C VAL B 110 4.96 -9.45 -36.17
N GLU B 111 5.13 -10.04 -34.98
CA GLU B 111 5.02 -9.32 -33.71
C GLU B 111 6.35 -9.39 -32.93
N ALA B 112 6.68 -8.32 -32.23
CA ALA B 112 7.68 -8.39 -31.15
C ALA B 112 7.36 -7.34 -30.09
N LEU B 113 7.79 -7.58 -28.87
CA LEU B 113 7.67 -6.57 -27.81
C LEU B 113 8.60 -5.36 -28.08
N SER B 114 8.13 -4.20 -27.65
CA SER B 114 8.92 -2.97 -27.57
C SER B 114 8.71 -2.29 -26.22
N LEU B 115 9.50 -1.27 -25.97
CA LEU B 115 9.34 -0.45 -24.79
C LEU B 115 8.38 0.68 -25.11
N ILE B 116 7.35 0.83 -24.27
CA ILE B 116 6.35 1.85 -24.53
C ILE B 116 6.52 2.78 -23.35
N TYR B 117 6.63 4.07 -23.63
CA TYR B 117 6.91 5.02 -22.58
C TYR B 117 6.01 6.24 -22.64
N ASN B 118 5.78 6.85 -21.48
CA ASN B 118 4.99 8.07 -21.34
C ASN B 118 5.88 9.29 -21.55
N LYS B 119 5.73 9.94 -22.70
CA LYS B 119 6.52 11.11 -23.08
C LYS B 119 6.38 12.32 -22.15
N ASP B 120 5.25 12.47 -21.45
CA ASP B 120 5.12 13.58 -20.49
C ASP B 120 5.93 13.30 -19.24
N LEU B 121 5.95 12.04 -18.80
CA LEU B 121 6.74 11.63 -17.63
C LEU B 121 8.21 11.46 -17.93
N LEU B 122 8.53 11.13 -19.17
CA LEU B 122 9.83 10.58 -19.48
C LEU B 122 10.12 10.92 -20.94
N PRO B 123 10.54 12.17 -21.21
CA PRO B 123 10.83 12.58 -22.58
C PRO B 123 12.02 11.81 -23.17
N ASN B 124 12.92 11.34 -22.30
CA ASN B 124 14.13 10.62 -22.72
C ASN B 124 14.14 9.24 -22.07
N PRO B 125 13.65 8.21 -22.77
CA PRO B 125 13.51 6.89 -22.16
C PRO B 125 14.90 6.26 -21.95
N PRO B 126 15.03 5.37 -20.93
CA PRO B 126 16.35 4.83 -20.56
C PRO B 126 16.89 3.91 -21.65
N LYS B 127 18.17 4.00 -21.96
CA LYS B 127 18.73 3.12 -22.96
C LYS B 127 19.10 1.79 -22.33
N THR B 128 19.10 1.76 -21.01
CA THR B 128 19.72 0.70 -20.25
C THR B 128 18.76 0.16 -19.15
N TRP B 129 18.72 -1.15 -18.95
CA TRP B 129 17.95 -1.76 -17.84
C TRP B 129 18.53 -1.31 -16.52
N GLU B 130 19.84 -1.22 -16.49
CA GLU B 130 20.58 -0.94 -15.25
C GLU B 130 20.19 0.41 -14.63
N GLU B 131 19.80 1.37 -15.45
CA GLU B 131 19.47 2.69 -14.89
C GLU B 131 18.00 2.81 -14.36
N ILE B 132 17.21 1.75 -14.52
CA ILE B 132 15.77 1.81 -14.20
C ILE B 132 15.50 1.99 -12.71
N PRO B 133 16.32 1.36 -11.84
CA PRO B 133 16.08 1.54 -10.41
C PRO B 133 16.23 2.97 -9.93
N ALA B 134 17.31 3.63 -10.36
CA ALA B 134 17.50 5.04 -10.07
C ALA B 134 16.38 5.89 -10.68
N LEU B 135 15.95 5.52 -11.90
CA LEU B 135 14.84 6.22 -12.54
C LEU B 135 13.57 6.09 -11.70
N ASP B 136 13.28 4.86 -11.26
CA ASP B 136 12.13 4.58 -10.41
C ASP B 136 12.16 5.42 -9.11
N LYS B 137 13.30 5.45 -8.43
CA LYS B 137 13.46 6.30 -7.26
C LYS B 137 13.14 7.77 -7.56
N GLU B 138 13.60 8.28 -8.70
CA GLU B 138 13.28 9.64 -9.13
C GLU B 138 11.80 9.85 -9.32
N LEU B 139 11.14 8.91 -9.99
CA LEU B 139 9.72 9.04 -10.32
C LEU B 139 8.84 8.87 -9.09
N LYS B 140 9.24 8.00 -8.20
CA LYS B 140 8.55 7.85 -6.90
C LYS B 140 8.54 9.15 -6.09
N ALA B 141 9.58 9.96 -6.22
CA ALA B 141 9.59 11.26 -5.52
C ALA B 141 8.69 12.29 -6.20
N LYS B 142 8.05 11.88 -7.28
CA LYS B 142 7.01 12.65 -7.94
C LYS B 142 5.67 11.91 -7.91
N GLY B 143 5.59 10.83 -7.12
CA GLY B 143 4.34 10.08 -6.93
C GLY B 143 3.98 9.15 -8.07
N LYS B 144 4.94 8.89 -8.97
CA LYS B 144 4.79 7.95 -10.08
C LYS B 144 5.72 6.76 -9.90
N SER B 145 5.64 5.75 -10.76
CA SER B 145 6.69 4.73 -10.85
C SER B 145 7.27 4.63 -12.27
N ALA B 146 8.37 3.88 -12.41
CA ALA B 146 9.09 3.79 -13.69
C ALA B 146 8.51 2.76 -14.67
N LEU B 147 8.25 1.55 -14.18
CA LEU B 147 8.02 0.40 -15.08
C LEU B 147 7.06 -0.66 -14.52
N MET B 148 6.08 -1.03 -15.34
CA MET B 148 5.14 -2.12 -15.00
C MET B 148 4.83 -2.86 -16.28
N PHE B 149 5.07 -4.16 -16.25
CA PHE B 149 4.73 -5.04 -17.36
C PHE B 149 4.34 -6.41 -16.80
N ASN B 150 3.68 -7.22 -17.62
CA ASN B 150 3.21 -8.56 -17.23
C ASN B 150 4.33 -9.49 -16.75
N LEU B 151 4.37 -9.80 -15.45
CA LEU B 151 5.35 -10.74 -14.92
C LEU B 151 4.84 -12.17 -14.83
N GLN B 152 3.62 -12.42 -15.27
CA GLN B 152 3.03 -13.75 -15.19
C GLN B 152 3.34 -14.60 -16.41
N GLU B 153 3.71 -13.97 -17.52
CA GLU B 153 3.91 -14.72 -18.76
C GLU B 153 5.33 -14.56 -19.20
N PRO B 154 6.02 -15.69 -19.42
CA PRO B 154 7.48 -15.60 -19.60
C PRO B 154 7.85 -14.91 -20.93
N TYR B 155 6.91 -14.84 -21.86
CA TYR B 155 7.13 -14.09 -23.11
C TYR B 155 7.66 -12.68 -22.83
N PHE B 156 7.15 -12.06 -21.76
CA PHE B 156 7.44 -10.67 -21.46
C PHE B 156 8.74 -10.49 -20.74
N THR B 157 9.21 -11.52 -20.04
CA THR B 157 10.51 -11.46 -19.34
C THR B 157 11.66 -12.05 -20.16
N TRP B 158 11.30 -12.85 -21.17
CA TRP B 158 12.30 -13.44 -22.03
C TRP B 158 13.33 -12.46 -22.60
N PRO B 159 12.91 -11.25 -23.02
CA PRO B 159 13.89 -10.32 -23.64
C PRO B 159 15.08 -10.01 -22.73
N LEU B 160 14.84 -9.93 -21.43
CA LEU B 160 15.89 -9.71 -20.42
C LEU B 160 16.70 -10.98 -20.16
N ILE B 161 16.03 -12.13 -20.10
CA ILE B 161 16.68 -13.42 -19.88
C ILE B 161 17.64 -13.81 -21.03
N ALA B 162 17.25 -13.48 -22.24
CA ALA B 162 18.03 -13.86 -23.39
C ALA B 162 19.11 -12.81 -23.72
N ALA B 163 19.02 -11.63 -23.11
CA ALA B 163 19.91 -10.51 -23.46
C ALA B 163 21.39 -10.89 -23.38
N ASP B 164 21.78 -11.49 -22.25
CA ASP B 164 23.18 -11.79 -22.02
C ASP B 164 23.52 -13.27 -22.28
N GLY B 165 22.63 -14.01 -22.94
CA GLY B 165 23.00 -15.37 -23.36
C GLY B 165 21.97 -16.47 -23.29
N GLY B 166 20.84 -16.21 -22.64
CA GLY B 166 19.81 -17.24 -22.53
C GLY B 166 19.25 -17.60 -23.89
N TYR B 167 19.01 -18.89 -24.11
CA TYR B 167 18.34 -19.33 -25.34
C TYR B 167 17.43 -20.51 -25.02
N ALA B 168 16.48 -20.78 -25.93
CA ALA B 168 15.58 -21.92 -25.76
C ALA B 168 16.27 -23.22 -26.22
N PHE B 169 16.27 -23.45 -27.52
CA PHE B 169 16.96 -24.59 -28.09
C PHE B 169 18.09 -24.11 -28.99
N LYS B 170 19.25 -24.74 -28.86
CA LYS B 170 20.38 -24.40 -29.72
C LYS B 170 20.05 -24.68 -31.18
N TYR B 171 20.29 -23.70 -32.05
CA TYR B 171 20.07 -23.89 -33.48
C TYR B 171 21.41 -24.10 -34.18
N GLU B 172 21.71 -25.35 -34.50
CA GLU B 172 22.92 -25.63 -35.26
C GLU B 172 22.67 -26.44 -36.51
N ASN B 173 23.24 -25.97 -37.62
CA ASN B 173 23.31 -26.76 -38.83
C ASN B 173 21.93 -27.02 -39.41
N GLY B 174 21.16 -25.94 -39.50
CA GLY B 174 19.81 -26.00 -40.05
C GLY B 174 18.76 -26.66 -39.17
N LYS B 175 19.08 -26.94 -37.91
CA LYS B 175 18.08 -27.53 -37.01
C LYS B 175 18.27 -27.21 -35.53
N TYR B 176 17.17 -27.30 -34.78
CA TYR B 176 17.21 -27.14 -33.33
C TYR B 176 17.62 -28.44 -32.63
N ASP B 177 18.42 -28.29 -31.58
CA ASP B 177 18.91 -29.43 -30.84
C ASP B 177 18.06 -29.52 -29.58
N ILE B 178 17.14 -30.48 -29.57
CA ILE B 178 16.18 -30.59 -28.50
C ILE B 178 16.82 -30.96 -27.17
N LYS B 179 18.07 -31.43 -27.22
CA LYS B 179 18.81 -31.75 -26.00
C LYS B 179 19.66 -30.58 -25.51
N ASP B 180 19.75 -29.51 -26.31
CA ASP B 180 20.61 -28.34 -25.95
C ASP B 180 19.78 -27.08 -25.72
N VAL B 181 19.42 -26.90 -24.44
CA VAL B 181 18.59 -25.82 -23.94
C VAL B 181 19.51 -24.84 -23.19
N GLY B 182 19.18 -23.55 -23.24
CA GLY B 182 20.04 -22.54 -22.60
C GLY B 182 19.34 -21.67 -21.59
N VAL B 183 18.48 -22.26 -20.78
CA VAL B 183 17.75 -21.49 -19.79
C VAL B 183 18.47 -21.46 -18.43
N ASP B 184 19.48 -22.30 -18.25
CA ASP B 184 20.21 -22.23 -16.97
C ASP B 184 21.66 -21.82 -17.12
N ASN B 185 22.00 -21.16 -18.24
CA ASN B 185 23.35 -20.66 -18.40
C ASN B 185 23.49 -19.33 -17.68
N ALA B 186 24.69 -18.75 -17.72
CA ALA B 186 25.00 -17.65 -16.84
C ALA B 186 24.33 -16.38 -17.35
N GLY B 187 24.11 -16.30 -18.66
CA GLY B 187 23.33 -15.23 -19.28
C GLY B 187 21.89 -15.20 -18.77
N ALA B 188 21.25 -16.35 -18.78
CA ALA B 188 19.86 -16.48 -18.36
C ALA B 188 19.79 -16.15 -16.89
N LYS B 189 20.79 -16.63 -16.15
CA LYS B 189 20.78 -16.44 -14.70
C LYS B 189 20.95 -14.98 -14.41
N ALA B 190 21.91 -14.35 -15.09
CA ALA B 190 22.15 -12.91 -14.88
C ALA B 190 20.86 -12.11 -15.12
N GLY B 191 20.19 -12.35 -16.26
CA GLY B 191 18.90 -11.65 -16.55
C GLY B 191 17.82 -11.81 -15.49
N LEU B 192 17.57 -13.06 -15.09
CA LEU B 192 16.50 -13.36 -14.15
C LEU B 192 16.82 -12.85 -12.75
N THR B 193 18.10 -12.83 -12.41
CA THR B 193 18.56 -12.26 -11.13
C THR B 193 18.30 -10.76 -11.11
N PHE B 194 18.64 -10.08 -12.20
CA PHE B 194 18.29 -8.68 -12.31
C PHE B 194 16.81 -8.42 -12.14
N LEU B 195 15.98 -9.21 -12.83
CA LEU B 195 14.53 -9.09 -12.64
C LEU B 195 14.07 -9.28 -11.19
N VAL B 196 14.55 -10.34 -10.54
CA VAL B 196 14.17 -10.53 -9.15
C VAL B 196 14.77 -9.51 -8.17
N ASP B 197 15.94 -8.96 -8.51
CA ASP B 197 16.46 -7.80 -7.77
C ASP B 197 15.57 -6.57 -7.90
N LEU B 198 15.05 -6.31 -9.09
CA LEU B 198 14.02 -5.29 -9.26
C LEU B 198 12.85 -5.52 -8.30
N ILE B 199 12.32 -6.74 -8.26
CA ILE B 199 11.20 -7.06 -7.38
C ILE B 199 11.54 -6.95 -5.89
N LYS B 200 12.69 -7.44 -5.50
CA LYS B 200 13.09 -7.43 -4.10
C LYS B 200 13.20 -5.99 -3.59
N ASN B 201 13.61 -5.08 -4.46
CA ASN B 201 13.74 -3.68 -4.11
C ASN B 201 12.50 -2.87 -4.41
N LYS B 202 11.44 -3.58 -4.76
CA LYS B 202 10.12 -3.01 -4.81
C LYS B 202 9.95 -2.04 -5.97
N HIS B 203 10.89 -2.07 -6.91
CA HIS B 203 10.71 -1.40 -8.20
C HIS B 203 9.66 -2.08 -9.08
N MET B 204 9.45 -3.38 -8.87
CA MET B 204 8.30 -4.04 -9.46
C MET B 204 7.64 -4.97 -8.45
N ASN B 205 6.46 -5.48 -8.77
CA ASN B 205 5.70 -6.36 -7.90
C ASN B 205 5.43 -7.71 -8.59
N ALA B 206 5.75 -8.79 -7.90
CA ALA B 206 5.71 -10.14 -8.48
C ALA B 206 4.33 -10.52 -8.98
N ASP B 207 3.28 -9.97 -8.40
CA ASP B 207 1.95 -10.28 -8.88
C ASP B 207 1.40 -9.37 -10.01
N THR B 208 2.20 -8.42 -10.49
CA THR B 208 1.78 -7.61 -11.66
C THR B 208 1.46 -8.50 -12.87
N ASP B 209 0.23 -8.39 -13.39
CA ASP B 209 -0.16 -9.15 -14.58
C ASP B 209 -0.46 -8.22 -15.75
N TYR B 210 -0.93 -8.77 -16.86
CA TYR B 210 -1.22 -7.98 -18.08
C TYR B 210 -2.17 -6.84 -17.80
N SER B 211 -3.33 -7.10 -17.21
CA SER B 211 -4.32 -6.04 -16.90
C SER B 211 -3.86 -4.97 -15.90
N ILE B 212 -3.19 -5.38 -14.82
CA ILE B 212 -2.72 -4.42 -13.83
C ILE B 212 -1.72 -3.42 -14.48
N ALA B 213 -0.82 -3.96 -15.30
CA ALA B 213 0.19 -3.17 -15.99
C ALA B 213 -0.43 -2.28 -17.07
N GLU B 214 -1.36 -2.82 -17.82
CA GLU B 214 -2.03 -2.03 -18.83
C GLU B 214 -2.78 -0.85 -18.20
N ALA B 215 -3.57 -1.14 -17.16
CA ALA B 215 -4.38 -0.09 -16.52
C ALA B 215 -3.49 0.98 -15.89
N ALA B 216 -2.37 0.58 -15.29
CA ALA B 216 -1.41 1.52 -14.71
C ALA B 216 -0.76 2.48 -15.73
N PHE B 217 -0.29 1.96 -16.86
CA PHE B 217 0.27 2.85 -17.89
C PHE B 217 -0.83 3.76 -18.50
N ASN B 218 -1.98 3.16 -18.83
CA ASN B 218 -3.04 3.89 -19.51
C ASN B 218 -3.70 4.95 -18.62
N LYS B 219 -3.53 4.83 -17.31
CA LYS B 219 -3.93 5.88 -16.36
C LYS B 219 -2.83 6.91 -16.09
N GLY B 220 -1.67 6.77 -16.73
CA GLY B 220 -0.55 7.67 -16.51
C GLY B 220 0.13 7.53 -15.16
N GLU B 221 0.05 6.35 -14.53
CA GLU B 221 0.68 6.13 -13.22
C GLU B 221 2.12 5.64 -13.30
N THR B 222 2.46 5.04 -14.45
CA THR B 222 3.78 4.44 -14.64
C THR B 222 4.39 4.98 -15.94
N ALA B 223 5.68 5.32 -15.88
CA ALA B 223 6.33 5.91 -17.04
C ALA B 223 6.56 4.94 -18.24
N MET B 224 6.63 3.63 -17.97
CA MET B 224 6.99 2.65 -19.00
C MET B 224 6.21 1.36 -18.85
N THR B 225 6.02 0.69 -19.98
CA THR B 225 5.57 -0.68 -20.00
C THR B 225 6.23 -1.45 -21.15
N ILE B 226 6.08 -2.77 -21.13
CA ILE B 226 6.55 -3.63 -22.21
C ILE B 226 5.34 -4.34 -22.82
N ASN B 227 5.10 -4.13 -24.11
CA ASN B 227 3.94 -4.71 -24.75
C ASN B 227 4.13 -4.72 -26.25
N GLY B 228 3.22 -5.42 -26.92
CA GLY B 228 3.24 -5.63 -28.38
C GLY B 228 2.29 -4.66 -29.05
N PRO B 229 2.23 -4.70 -30.39
CA PRO B 229 1.46 -3.75 -31.17
C PRO B 229 -0.01 -3.75 -30.81
N TRP B 230 -0.53 -4.90 -30.37
CA TRP B 230 -1.95 -5.03 -30.09
C TRP B 230 -2.35 -4.05 -29.01
N ALA B 231 -1.40 -3.67 -28.17
CA ALA B 231 -1.68 -2.84 -26.99
C ALA B 231 -1.92 -1.36 -27.37
N TRP B 232 -1.49 -0.96 -28.56
CA TRP B 232 -1.45 0.45 -28.93
C TRP B 232 -2.85 1.12 -28.97
N SER B 233 -3.87 0.41 -29.50
CA SER B 233 -5.27 0.89 -29.46
C SER B 233 -5.70 1.44 -28.11
N ASN B 234 -5.59 0.63 -27.08
CA ASN B 234 -6.05 1.07 -25.79
C ASN B 234 -5.33 2.31 -25.28
N ILE B 235 -4.04 2.46 -25.62
CA ILE B 235 -3.30 3.65 -25.18
C ILE B 235 -3.75 4.90 -25.94
N ASP B 236 -3.92 4.76 -27.26
CA ASP B 236 -4.66 5.73 -28.08
C ASP B 236 -5.91 6.26 -27.39
N THR B 237 -6.80 5.34 -27.01
CA THR B 237 -8.04 5.64 -26.26
C THR B 237 -7.86 6.41 -24.93
N SER B 238 -6.81 6.09 -24.18
CA SER B 238 -6.57 6.70 -22.85
C SER B 238 -5.97 8.09 -22.99
N LYS B 239 -5.48 8.41 -24.19
CA LYS B 239 -4.95 9.72 -24.52
C LYS B 239 -3.54 10.02 -24.02
N VAL B 240 -2.95 9.08 -23.27
CA VAL B 240 -1.55 9.22 -22.85
C VAL B 240 -0.72 9.49 -24.09
N ASN B 241 0.21 10.44 -24.04
CA ASN B 241 1.09 10.51 -25.19
C ASN B 241 2.36 9.69 -25.03
N TYR B 242 2.42 8.65 -25.86
CA TYR B 242 3.32 7.53 -25.65
C TYR B 242 4.27 7.43 -26.85
N GLY B 243 5.45 6.88 -26.59
CA GLY B 243 6.35 6.52 -27.65
C GLY B 243 6.64 5.03 -27.57
N VAL B 244 7.05 4.48 -28.71
CA VAL B 244 7.38 3.07 -28.79
C VAL B 244 8.80 2.99 -29.30
N THR B 245 9.65 2.26 -28.59
CA THR B 245 11.07 2.34 -28.84
C THR B 245 11.82 1.04 -28.57
N VAL B 246 13.13 1.06 -28.79
CA VAL B 246 13.99 -0.09 -28.60
C VAL B 246 14.00 -0.44 -27.11
N LEU B 247 13.90 -1.72 -26.79
CA LEU B 247 14.02 -2.15 -25.37
C LEU B 247 15.43 -1.78 -24.84
N PRO B 248 15.56 -1.61 -23.52
CA PRO B 248 16.85 -1.23 -22.96
C PRO B 248 17.86 -2.37 -23.08
N THR B 249 19.15 -2.02 -23.03
CA THR B 249 20.21 -3.04 -23.12
C THR B 249 20.44 -3.56 -21.71
N PHE B 250 20.97 -4.78 -21.64
CA PHE B 250 21.36 -5.38 -20.39
C PHE B 250 22.82 -5.87 -20.50
N LYS B 251 23.63 -5.47 -19.53
CA LYS B 251 25.09 -5.62 -19.63
C LYS B 251 25.61 -5.22 -21.02
N GLY B 252 25.14 -4.10 -21.54
CA GLY B 252 25.56 -3.66 -22.86
C GLY B 252 24.98 -4.38 -24.05
N GLN B 253 24.22 -5.45 -23.85
CA GLN B 253 23.66 -6.24 -24.97
C GLN B 253 22.21 -5.83 -25.19
N PRO B 254 21.71 -5.88 -26.45
CA PRO B 254 20.29 -5.61 -26.66
C PRO B 254 19.42 -6.64 -25.92
N SER B 255 18.24 -6.23 -25.45
CA SER B 255 17.22 -7.22 -25.11
C SER B 255 16.86 -7.98 -26.36
N LYS B 256 16.45 -9.23 -26.15
CA LYS B 256 16.29 -10.22 -27.20
C LYS B 256 14.87 -10.82 -27.18
N PRO B 257 13.87 -10.02 -27.58
CA PRO B 257 12.51 -10.56 -27.49
C PRO B 257 12.33 -11.68 -28.49
N PHE B 258 11.44 -12.61 -28.18
CA PHE B 258 11.08 -13.68 -29.13
C PHE B 258 10.17 -13.08 -30.20
N VAL B 259 10.38 -13.46 -31.45
CA VAL B 259 9.56 -12.93 -32.52
C VAL B 259 8.46 -13.94 -32.87
N GLY B 260 7.23 -13.49 -32.85
CA GLY B 260 6.08 -14.34 -33.16
C GLY B 260 5.45 -14.00 -34.51
N VAL B 261 5.00 -15.00 -35.27
CA VAL B 261 4.26 -14.73 -36.52
C VAL B 261 2.85 -15.18 -36.25
N LEU B 262 1.94 -14.22 -36.03
CA LEU B 262 0.54 -14.55 -35.84
C LEU B 262 0.14 -15.33 -37.05
N SER B 263 -0.56 -16.45 -36.86
CA SER B 263 -0.77 -17.42 -37.91
C SER B 263 -2.16 -18.03 -37.81
N ALA B 264 -2.68 -18.48 -38.96
CA ALA B 264 -4.01 -19.04 -38.93
C ALA B 264 -4.03 -20.46 -39.49
N GLY B 265 -4.34 -21.42 -38.62
CA GLY B 265 -4.32 -22.82 -39.00
C GLY B 265 -5.74 -23.33 -39.21
N ILE B 266 -5.88 -24.33 -40.09
CA ILE B 266 -7.18 -24.97 -40.35
C ILE B 266 -7.27 -26.35 -39.68
N ASN B 267 -8.29 -26.54 -38.83
CA ASN B 267 -8.48 -27.78 -38.09
C ASN B 267 -8.59 -28.96 -39.07
N ALA B 268 -7.77 -29.99 -38.84
CA ALA B 268 -7.76 -31.18 -39.71
C ALA B 268 -9.12 -31.91 -39.75
N ALA B 269 -9.88 -31.80 -38.67
CA ALA B 269 -11.23 -32.38 -38.61
C ALA B 269 -12.32 -31.46 -39.17
N SER B 270 -11.94 -30.32 -39.76
CA SER B 270 -12.95 -29.40 -40.30
C SER B 270 -13.54 -29.92 -41.60
N PRO B 271 -14.87 -29.97 -41.66
CA PRO B 271 -15.57 -30.20 -42.92
C PRO B 271 -15.70 -28.97 -43.80
N ASN B 272 -15.11 -27.84 -43.38
CA ASN B 272 -15.22 -26.56 -44.12
C ASN B 272 -13.88 -26.03 -44.65
N LYS B 273 -13.02 -26.93 -45.06
CA LYS B 273 -11.66 -26.55 -45.36
C LYS B 273 -11.58 -25.59 -46.52
N GLU B 274 -12.43 -25.81 -47.53
CA GLU B 274 -12.44 -24.95 -48.71
C GLU B 274 -12.96 -23.54 -48.39
N LEU B 275 -13.97 -23.46 -47.52
CA LEU B 275 -14.49 -22.20 -47.03
C LEU B 275 -13.44 -21.41 -46.22
N ALA B 276 -12.76 -22.09 -45.30
CA ALA B 276 -11.73 -21.44 -44.48
C ALA B 276 -10.58 -20.94 -45.35
N LYS B 277 -10.24 -21.72 -46.37
CA LYS B 277 -9.29 -21.27 -47.38
C LYS B 277 -9.71 -19.99 -48.13
N GLU B 278 -10.97 -19.92 -48.57
CA GLU B 278 -11.44 -18.74 -49.30
C GLU B 278 -11.55 -17.55 -48.35
N PHE B 279 -12.10 -17.77 -47.17
CA PHE B 279 -12.09 -16.73 -46.13
C PHE B 279 -10.69 -16.13 -45.93
N LEU B 280 -9.72 -16.99 -45.63
CA LEU B 280 -8.37 -16.56 -45.32
C LEU B 280 -7.64 -15.89 -46.49
N GLU B 281 -7.69 -16.54 -47.65
CA GLU B 281 -6.92 -16.11 -48.81
C GLU B 281 -7.53 -14.90 -49.47
N ASN B 282 -8.86 -14.84 -49.48
CA ASN B 282 -9.57 -13.88 -50.34
C ASN B 282 -10.24 -12.74 -49.60
N TYR B 283 -10.44 -12.94 -48.29
CA TYR B 283 -11.03 -11.93 -47.43
C TYR B 283 -10.02 -11.34 -46.44
N LEU B 284 -9.42 -12.19 -45.60
CA LEU B 284 -8.56 -11.71 -44.51
C LEU B 284 -7.25 -11.17 -45.06
N LEU B 285 -6.57 -11.95 -45.90
CA LEU B 285 -5.25 -11.58 -46.41
C LEU B 285 -5.30 -10.66 -47.63
N THR B 286 -6.03 -9.56 -47.48
CA THR B 286 -6.01 -8.47 -48.45
C THR B 286 -5.77 -7.16 -47.71
N ASP B 287 -5.41 -6.11 -48.46
CA ASP B 287 -5.22 -4.79 -47.87
C ASP B 287 -6.42 -4.45 -47.00
N GLU B 288 -7.61 -4.66 -47.53
CA GLU B 288 -8.86 -4.31 -46.85
C GLU B 288 -9.20 -5.21 -45.64
N GLY B 289 -8.90 -6.51 -45.70
CA GLY B 289 -9.14 -7.37 -44.52
C GLY B 289 -8.16 -7.07 -43.39
N LEU B 290 -6.89 -6.93 -43.72
CA LEU B 290 -5.88 -6.60 -42.72
C LEU B 290 -6.11 -5.22 -42.08
N GLU B 291 -6.46 -4.22 -42.89
CA GLU B 291 -6.87 -2.92 -42.34
C GLU B 291 -7.98 -3.01 -41.29
N ALA B 292 -9.01 -3.83 -41.53
CA ALA B 292 -10.10 -3.92 -40.56
C ALA B 292 -9.64 -4.47 -39.22
N VAL B 293 -8.75 -5.47 -39.26
CA VAL B 293 -8.27 -6.07 -38.02
C VAL B 293 -7.33 -5.08 -37.34
N ASN B 294 -6.53 -4.42 -38.15
CA ASN B 294 -5.44 -3.56 -37.69
C ASN B 294 -5.97 -2.32 -37.00
N LYS B 295 -7.10 -1.81 -37.50
CA LYS B 295 -7.74 -0.61 -36.95
C LYS B 295 -8.41 -0.93 -35.63
N ASP B 296 -8.75 -2.20 -35.43
CA ASP B 296 -9.28 -2.66 -34.16
C ASP B 296 -8.13 -2.82 -33.15
N LYS B 297 -7.21 -3.75 -33.40
CA LYS B 297 -5.98 -3.84 -32.62
C LYS B 297 -4.81 -4.00 -33.60
N PRO B 298 -3.80 -3.13 -33.50
CA PRO B 298 -2.73 -3.24 -34.46
C PRO B 298 -2.01 -4.63 -34.48
N LEU B 299 -1.70 -5.09 -35.69
CA LEU B 299 -1.14 -6.40 -35.97
C LEU B 299 0.39 -6.43 -35.89
N GLY B 300 1.03 -5.28 -36.06
CA GLY B 300 2.49 -5.21 -36.18
C GLY B 300 2.83 -5.08 -37.65
N ALA B 301 3.80 -5.87 -38.10
CA ALA B 301 4.28 -5.80 -39.47
C ALA B 301 3.66 -6.96 -40.29
N VAL B 302 2.75 -6.65 -41.20
CA VAL B 302 1.92 -7.69 -41.80
C VAL B 302 2.70 -8.50 -42.82
N ALA B 303 2.28 -9.74 -43.01
CA ALA B 303 2.92 -10.64 -43.96
C ALA B 303 2.60 -10.24 -45.40
N LEU B 304 1.45 -9.62 -45.61
CA LEU B 304 1.02 -9.23 -46.97
C LEU B 304 1.85 -8.04 -47.44
N LYS B 305 2.67 -8.25 -48.47
CA LYS B 305 3.68 -7.26 -48.87
C LYS B 305 3.10 -5.87 -49.13
N SER B 306 2.02 -5.81 -49.91
CA SER B 306 1.44 -4.54 -50.29
C SER B 306 1.03 -3.73 -49.07
N TYR B 307 0.38 -4.36 -48.09
CA TYR B 307 -0.05 -3.62 -46.92
C TYR B 307 1.08 -3.24 -45.98
N GLU B 308 2.07 -4.11 -45.81
CA GLU B 308 3.20 -3.76 -44.92
C GLU B 308 4.04 -2.62 -45.47
N GLU B 309 4.19 -2.55 -46.78
CA GLU B 309 4.79 -1.39 -47.43
C GLU B 309 4.06 -0.10 -46.99
N GLU B 310 2.73 -0.12 -47.03
CA GLU B 310 1.90 1.03 -46.70
C GLU B 310 2.02 1.45 -45.24
N LEU B 311 2.40 0.52 -44.35
CA LEU B 311 2.47 0.76 -42.91
C LEU B 311 3.91 0.86 -42.36
N ALA B 312 4.88 0.45 -43.17
CA ALA B 312 6.25 0.36 -42.69
C ALA B 312 6.83 1.72 -42.24
N LYS B 313 6.17 2.82 -42.61
CA LYS B 313 6.68 4.16 -42.24
C LYS B 313 6.22 4.63 -40.85
N ASP B 314 5.28 3.91 -40.24
CA ASP B 314 4.82 4.14 -38.86
C ASP B 314 5.99 3.93 -37.90
N PRO B 315 6.35 4.97 -37.13
CA PRO B 315 7.51 4.86 -36.22
C PRO B 315 7.35 3.75 -35.17
N ARG B 316 6.11 3.44 -34.80
CA ARG B 316 5.84 2.39 -33.82
C ARG B 316 6.13 1.01 -34.42
N ILE B 317 5.80 0.84 -35.70
CA ILE B 317 6.13 -0.37 -36.42
C ILE B 317 7.62 -0.46 -36.67
N ALA B 318 8.24 0.66 -37.00
CA ALA B 318 9.70 0.65 -37.18
C ALA B 318 10.35 0.16 -35.88
N ALA B 319 9.88 0.67 -34.75
CA ALA B 319 10.40 0.23 -33.46
C ALA B 319 10.16 -1.27 -33.27
N THR B 320 8.99 -1.76 -33.65
CA THR B 320 8.68 -3.20 -33.55
C THR B 320 9.71 -4.05 -34.30
N MET B 321 9.97 -3.66 -35.55
CA MET B 321 10.90 -4.34 -36.45
C MET B 321 12.32 -4.26 -35.93
N GLU B 322 12.68 -3.14 -35.32
CA GLU B 322 14.00 -3.02 -34.72
C GLU B 322 14.19 -3.95 -33.52
N ASN B 323 13.20 -4.03 -32.64
CA ASN B 323 13.23 -5.04 -31.57
C ASN B 323 13.27 -6.48 -32.09
N ALA B 324 12.45 -6.78 -33.10
CA ALA B 324 12.42 -8.09 -33.73
C ALA B 324 13.82 -8.49 -34.31
N GLN B 325 14.50 -7.53 -34.91
CA GLN B 325 15.79 -7.78 -35.51
C GLN B 325 16.83 -8.09 -34.48
N LYS B 326 16.69 -7.46 -33.32
CA LYS B 326 17.60 -7.67 -32.22
C LYS B 326 17.32 -8.98 -31.48
N GLY B 327 16.07 -9.45 -31.53
CA GLY B 327 15.72 -10.70 -30.90
C GLY B 327 15.91 -11.90 -31.80
N GLU B 328 15.03 -12.89 -31.67
CA GLU B 328 15.13 -14.12 -32.45
C GLU B 328 13.74 -14.71 -32.68
N ILE B 329 13.53 -15.31 -33.86
CA ILE B 329 12.29 -16.01 -34.13
C ILE B 329 12.10 -17.18 -33.14
N MET B 330 10.88 -17.39 -32.66
CA MET B 330 10.58 -18.60 -31.91
C MET B 330 10.71 -19.84 -32.78
N PRO B 331 11.24 -20.92 -32.21
CA PRO B 331 11.19 -22.20 -32.92
C PRO B 331 9.74 -22.63 -32.96
N ASN B 332 9.36 -23.45 -33.94
CA ASN B 332 8.02 -24.05 -33.94
C ASN B 332 7.97 -25.54 -33.55
N ILE B 333 9.07 -26.09 -33.08
CA ILE B 333 9.09 -27.51 -32.70
C ILE B 333 8.09 -27.88 -31.60
N PRO B 334 7.59 -29.13 -31.59
CA PRO B 334 6.62 -29.65 -30.58
C PRO B 334 7.05 -29.44 -29.12
N GLN B 335 8.37 -29.34 -28.91
CA GLN B 335 8.96 -29.13 -27.59
C GLN B 335 8.79 -27.71 -27.04
N MET B 336 8.26 -26.78 -27.85
CA MET B 336 8.12 -25.39 -27.37
C MET B 336 7.10 -25.31 -26.26
N SER B 337 6.09 -26.15 -26.35
CA SER B 337 5.05 -26.23 -25.36
C SER B 337 5.69 -26.41 -23.96
N ALA B 338 6.52 -27.44 -23.84
CA ALA B 338 7.17 -27.83 -22.59
C ALA B 338 8.20 -26.79 -22.16
N PHE B 339 8.87 -26.18 -23.14
CA PHE B 339 9.76 -25.05 -22.88
C PHE B 339 9.01 -23.92 -22.15
N TRP B 340 7.91 -23.47 -22.72
CA TRP B 340 7.23 -22.29 -22.18
C TRP B 340 6.69 -22.62 -20.79
N TYR B 341 6.22 -23.85 -20.60
CA TYR B 341 5.78 -24.27 -19.27
C TYR B 341 6.93 -24.22 -18.24
N ALA B 342 8.08 -24.81 -18.60
CA ALA B 342 9.27 -24.81 -17.76
C ALA B 342 9.63 -23.40 -17.35
N VAL B 343 9.71 -22.48 -18.33
CA VAL B 343 10.16 -21.13 -18.01
C VAL B 343 9.09 -20.27 -17.30
N ARG B 344 7.83 -20.51 -17.60
CA ARG B 344 6.76 -19.83 -16.85
C ARG B 344 6.92 -20.16 -15.39
N THR B 345 7.05 -21.45 -15.09
CA THR B 345 7.25 -21.94 -13.71
C THR B 345 8.54 -21.39 -13.10
N ALA B 346 9.62 -21.34 -13.86
CA ALA B 346 10.86 -20.79 -13.35
C ALA B 346 10.72 -19.33 -12.92
N VAL B 347 10.15 -18.50 -13.82
CA VAL B 347 10.07 -17.06 -13.57
C VAL B 347 9.16 -16.77 -12.39
N ILE B 348 7.99 -17.42 -12.38
CA ILE B 348 7.04 -17.23 -11.28
C ILE B 348 7.63 -17.64 -9.93
N ASN B 349 8.27 -18.80 -9.87
CA ASN B 349 8.85 -19.23 -8.62
C ASN B 349 10.01 -18.34 -8.16
N ALA B 350 10.82 -17.85 -9.10
CA ALA B 350 11.92 -16.99 -8.69
C ALA B 350 11.44 -15.59 -8.31
N ALA B 351 10.44 -15.09 -9.04
CA ALA B 351 9.97 -13.72 -8.75
C ALA B 351 9.20 -13.68 -7.43
N SER B 352 8.49 -14.75 -7.11
CA SER B 352 7.75 -14.77 -5.85
C SER B 352 8.62 -15.25 -4.67
N GLY B 353 9.89 -15.53 -4.92
CA GLY B 353 10.81 -15.96 -3.86
C GLY B 353 10.62 -17.40 -3.36
N ARG B 354 9.76 -18.18 -3.99
CA ARG B 354 9.65 -19.61 -3.68
C ARG B 354 10.93 -20.42 -3.98
N GLN B 355 11.62 -20.04 -5.05
CA GLN B 355 12.92 -20.62 -5.36
C GLN B 355 13.91 -19.51 -5.63
N THR B 356 15.20 -19.80 -5.47
CA THR B 356 16.22 -18.91 -5.94
C THR B 356 16.32 -19.04 -7.46
N VAL B 357 16.93 -18.06 -8.13
CA VAL B 357 16.99 -18.16 -9.57
C VAL B 357 17.80 -19.35 -10.03
N ASP B 358 18.89 -19.69 -9.35
CA ASP B 358 19.70 -20.84 -9.74
C ASP B 358 18.89 -22.13 -9.69
N GLU B 359 18.07 -22.22 -8.66
CA GLU B 359 17.21 -23.36 -8.38
C GLU B 359 16.07 -23.44 -9.41
N ALA B 360 15.50 -22.28 -9.74
CA ALA B 360 14.36 -22.27 -10.61
C ALA B 360 14.80 -22.58 -12.05
N LEU B 361 15.96 -22.08 -12.43
CA LEU B 361 16.44 -22.30 -13.78
C LEU B 361 17.03 -23.71 -13.98
N LYS B 362 17.60 -24.28 -12.91
CA LYS B 362 18.02 -25.68 -12.95
C LYS B 362 16.82 -26.58 -13.27
N ASP B 363 15.74 -26.39 -12.53
CA ASP B 363 14.55 -27.20 -12.77
C ASP B 363 13.98 -26.98 -14.18
N ALA B 364 13.97 -25.74 -14.66
CA ALA B 364 13.42 -25.47 -16.00
C ALA B 364 14.26 -26.19 -17.03
N GLN B 365 15.57 -26.03 -16.88
CA GLN B 365 16.50 -26.69 -17.78
C GLN B 365 16.19 -28.20 -17.84
N THR B 366 16.03 -28.83 -16.69
CA THR B 366 15.71 -30.26 -16.71
C THR B 366 14.31 -30.53 -17.29
N ASN B 367 13.32 -29.71 -16.93
CA ASN B 367 11.98 -29.86 -17.49
C ASN B 367 11.99 -29.67 -19.00
N ILE B 387 12.23 -42.85 1.47
CA ILE B 387 13.53 -42.39 2.04
C ILE B 387 13.76 -40.95 1.58
N VAL B 388 13.21 -40.01 2.34
CA VAL B 388 13.24 -38.63 1.94
C VAL B 388 14.48 -37.88 2.45
N VAL B 389 15.16 -38.43 3.45
CA VAL B 389 16.45 -37.92 3.92
C VAL B 389 17.59 -38.89 3.60
N TYR B 390 18.59 -38.40 2.89
CA TYR B 390 19.66 -39.26 2.48
C TYR B 390 20.90 -38.92 3.28
N THR B 391 21.38 -39.93 4.01
CA THR B 391 22.75 -39.97 4.49
C THR B 391 23.37 -41.30 4.08
N ASP B 392 24.66 -41.39 4.31
CA ASP B 392 25.38 -42.64 4.16
C ASP B 392 25.03 -43.59 5.30
N ARG B 393 25.08 -44.88 4.99
CA ARG B 393 25.17 -45.90 6.00
C ARG B 393 26.67 -45.98 6.17
N GLU B 394 27.14 -45.88 7.40
CA GLU B 394 28.55 -46.21 7.68
C GLU B 394 29.63 -45.39 6.95
N VAL B 395 30.42 -44.64 7.73
CA VAL B 395 31.61 -43.98 7.22
C VAL B 395 32.85 -44.45 8.00
N HIS B 396 33.97 -44.58 7.29
CA HIS B 396 35.24 -44.99 7.91
C HIS B 396 36.29 -43.91 7.88
N GLY B 397 36.74 -43.50 9.05
CA GLY B 397 37.75 -42.45 9.17
C GLY B 397 38.98 -43.04 9.83
N ALA B 398 40.13 -42.44 9.55
CA ALA B 398 41.34 -42.79 10.28
C ALA B 398 41.53 -41.71 11.34
N VAL B 399 42.16 -42.10 12.44
CA VAL B 399 42.50 -41.17 13.51
C VAL B 399 43.22 -39.98 12.92
N GLY B 400 42.86 -38.79 13.40
CA GLY B 400 43.40 -37.55 12.84
C GLY B 400 42.84 -37.10 11.49
N SER B 401 42.09 -37.96 10.80
CA SER B 401 41.48 -37.53 9.54
C SER B 401 40.20 -36.72 9.76
N GLN B 402 39.69 -36.11 8.68
CA GLN B 402 38.37 -35.48 8.65
C GLN B 402 37.39 -36.39 7.92
N VAL B 403 36.10 -36.29 8.24
CA VAL B 403 35.07 -37.09 7.60
C VAL B 403 33.88 -36.20 7.30
N THR B 404 33.32 -36.28 6.10
CA THR B 404 32.13 -35.50 5.84
C THR B 404 30.87 -36.33 6.06
N LEU B 405 29.97 -35.80 6.89
CA LEU B 405 28.70 -36.44 7.17
C LEU B 405 27.67 -35.77 6.28
N HIS B 406 27.42 -36.38 5.14
CA HIS B 406 26.43 -35.82 4.26
C HIS B 406 25.02 -35.99 4.81
N CYS B 407 24.18 -35.00 4.59
CA CYS B 407 22.76 -35.12 4.82
C CYS B 407 22.03 -34.23 3.80
N SER B 408 21.04 -34.78 3.12
CA SER B 408 20.22 -33.99 2.20
C SER B 408 18.80 -34.56 2.12
N PHE B 409 17.87 -33.83 1.52
CA PHE B 409 16.50 -34.31 1.49
C PHE B 409 15.74 -33.91 0.26
N TRP B 410 14.62 -34.57 0.04
CA TRP B 410 13.65 -34.16 -0.97
C TRP B 410 12.37 -33.82 -0.24
N SER B 411 11.64 -32.84 -0.76
CA SER B 411 10.34 -32.52 -0.17
C SER B 411 9.43 -31.97 -1.24
N SER B 412 8.13 -32.07 -1.00
CA SER B 412 7.10 -31.49 -1.86
C SER B 412 6.95 -29.99 -1.53
N GLU B 413 7.41 -29.58 -0.36
CA GLU B 413 7.32 -28.16 0.02
C GLU B 413 8.57 -27.42 -0.45
N TRP B 414 8.36 -26.18 -0.88
CA TRP B 414 9.44 -25.23 -1.10
C TRP B 414 10.31 -25.10 0.17
N VAL B 415 11.57 -24.70 0.01
CA VAL B 415 12.44 -24.46 1.15
C VAL B 415 11.95 -23.29 2.01
N SER B 416 11.76 -23.53 3.31
CA SER B 416 10.97 -22.60 4.13
C SER B 416 11.71 -21.32 4.50
N ASP B 417 12.96 -21.42 4.91
CA ASP B 417 13.46 -20.35 5.78
C ASP B 417 12.60 -20.29 7.04
N ASP B 418 13.23 -20.61 8.15
CA ASP B 418 12.60 -21.43 9.20
C ASP B 418 12.85 -22.90 9.06
N ILE B 419 13.45 -23.32 7.94
CA ILE B 419 13.99 -24.68 7.86
C ILE B 419 14.95 -24.88 9.03
N SER B 420 14.91 -26.06 9.65
CA SER B 420 15.95 -26.43 10.60
C SER B 420 16.63 -27.74 10.27
N PHE B 421 17.89 -27.83 10.69
CA PHE B 421 18.66 -29.07 10.65
C PHE B 421 19.22 -29.26 12.05
N THR B 422 19.12 -30.47 12.58
CA THR B 422 19.82 -30.80 13.79
C THR B 422 20.61 -32.06 13.56
N TRP B 423 21.88 -32.03 13.96
CA TRP B 423 22.66 -33.26 14.05
C TRP B 423 22.77 -33.71 15.51
N ARG B 424 22.52 -35.00 15.73
CA ARG B 424 22.67 -35.63 17.03
C ARG B 424 23.74 -36.70 17.02
N TYR B 425 24.37 -36.89 18.18
CA TYR B 425 25.41 -37.89 18.34
C TYR B 425 25.16 -38.80 19.55
N GLN B 426 25.34 -40.10 19.35
CA GLN B 426 25.26 -41.06 20.43
C GLN B 426 26.48 -41.98 20.36
N PRO B 427 27.34 -41.94 21.39
CA PRO B 427 28.60 -42.72 21.42
C PRO B 427 28.40 -44.22 21.24
N GLU B 428 29.32 -44.87 20.52
CA GLU B 428 29.26 -46.32 20.30
C GLU B 428 29.00 -47.10 21.61
N GLY B 429 29.00 -46.41 22.75
CA GLY B 429 28.64 -46.97 24.04
C GLY B 429 27.36 -46.40 24.66
N GLY B 430 27.49 -45.27 25.35
CA GLY B 430 26.37 -44.62 26.07
C GLY B 430 25.09 -44.45 25.26
N ARG B 431 23.98 -44.14 25.92
CA ARG B 431 22.67 -44.16 25.25
C ARG B 431 21.74 -42.97 25.51
N ASP B 432 22.30 -41.77 25.47
CA ASP B 432 21.52 -40.56 25.19
C ASP B 432 22.12 -39.87 23.95
N ALA B 433 21.29 -39.53 22.98
CA ALA B 433 21.75 -38.80 21.82
C ALA B 433 21.72 -37.30 22.07
N ILE B 434 22.89 -36.66 22.02
CA ILE B 434 23.03 -35.24 22.30
C ILE B 434 23.15 -34.41 21.01
N SER B 435 22.56 -33.22 21.03
CA SER B 435 22.65 -32.29 19.90
C SER B 435 24.07 -31.73 19.79
N ILE B 436 24.69 -31.89 18.63
CA ILE B 436 26.03 -31.36 18.41
C ILE B 436 26.04 -30.22 17.41
N PHE B 437 24.92 -30.01 16.72
CA PHE B 437 24.82 -28.93 15.74
C PHE B 437 23.37 -28.62 15.41
N HIS B 438 23.10 -27.35 15.14
CA HIS B 438 21.76 -26.90 14.83
C HIS B 438 21.80 -25.75 13.82
N TYR B 439 20.97 -25.83 12.79
CA TYR B 439 20.74 -24.69 11.92
C TYR B 439 19.27 -24.28 11.99
N ALA B 440 19.03 -23.02 12.31
CA ALA B 440 17.68 -22.50 12.51
C ALA B 440 17.63 -20.99 12.22
N LYS B 441 16.48 -20.50 11.75
CA LYS B 441 16.37 -19.11 11.30
C LYS B 441 17.67 -18.61 10.63
N GLY B 442 18.10 -19.30 9.58
CA GLY B 442 19.18 -18.81 8.70
C GLY B 442 20.60 -18.91 9.24
N GLN B 443 20.76 -19.57 10.38
CA GLN B 443 22.02 -19.50 11.10
C GLN B 443 22.46 -20.87 11.64
N PRO B 444 23.75 -21.24 11.41
CA PRO B 444 24.38 -22.40 12.04
C PRO B 444 24.81 -22.16 13.49
N TYR B 445 24.75 -23.21 14.32
CA TYR B 445 25.16 -23.13 15.72
C TYR B 445 25.86 -24.42 16.11
N ILE B 446 27.12 -24.31 16.56
CA ILE B 446 27.93 -25.49 16.81
C ILE B 446 27.85 -26.01 18.25
N ASP B 447 27.86 -27.33 18.37
CA ASP B 447 28.15 -28.07 19.61
C ASP B 447 28.42 -27.19 20.84
N GLU B 448 29.59 -26.54 20.85
CA GLU B 448 30.04 -25.74 22.00
C GLU B 448 29.69 -26.33 23.37
N VAL B 449 30.47 -27.35 23.76
CA VAL B 449 30.39 -27.98 25.08
C VAL B 449 30.86 -29.44 25.05
N GLY B 450 30.37 -30.21 24.07
CA GLY B 450 30.60 -31.66 24.01
C GLY B 450 31.92 -32.08 23.38
N THR B 451 32.05 -33.38 23.11
CA THR B 451 33.29 -34.00 22.59
C THR B 451 33.76 -33.43 21.23
N PHE B 452 32.87 -32.73 20.54
CA PHE B 452 33.12 -32.28 19.16
C PHE B 452 33.25 -30.78 19.06
N LYS B 453 33.33 -30.10 20.21
CA LYS B 453 33.53 -28.66 20.20
C LYS B 453 34.82 -28.28 19.46
N GLU B 454 34.73 -27.26 18.63
CA GLU B 454 35.84 -26.87 17.76
C GLU B 454 36.26 -27.92 16.72
N ARG B 455 35.39 -28.91 16.46
CA ARG B 455 35.74 -29.96 15.51
C ARG B 455 34.69 -30.17 14.43
N ILE B 456 33.67 -29.34 14.42
CA ILE B 456 32.62 -29.46 13.42
C ILE B 456 32.68 -28.28 12.48
N GLN B 457 32.56 -28.55 11.20
CA GLN B 457 32.43 -27.50 10.20
C GLN B 457 31.08 -27.63 9.48
N TRP B 458 30.33 -26.53 9.43
CA TRP B 458 29.11 -26.47 8.63
C TRP B 458 29.47 -26.34 7.16
N VAL B 459 29.08 -27.33 6.36
CA VAL B 459 29.34 -27.29 4.92
C VAL B 459 28.03 -27.35 4.10
N GLY B 460 26.89 -27.27 4.79
CA GLY B 460 25.58 -27.43 4.15
C GLY B 460 25.11 -26.16 3.48
N ASP B 461 23.90 -26.22 2.93
CA ASP B 461 23.24 -25.09 2.31
C ASP B 461 21.75 -25.44 2.16
N PRO B 462 20.89 -24.84 3.02
CA PRO B 462 19.49 -25.25 3.07
C PRO B 462 18.79 -24.95 1.77
N ARG B 463 19.30 -23.97 1.03
CA ARG B 463 18.67 -23.63 -0.26
C ARG B 463 18.76 -24.82 -1.23
N TRP B 464 19.82 -25.62 -1.11
CA TRP B 464 19.90 -26.86 -1.88
C TRP B 464 19.47 -28.11 -1.11
N LYS B 465 18.74 -27.91 -0.01
CA LYS B 465 18.26 -29.02 0.79
C LYS B 465 19.41 -29.88 1.31
N ASP B 466 20.48 -29.22 1.70
CA ASP B 466 21.69 -29.89 2.19
C ASP B 466 22.03 -29.37 3.59
N GLY B 467 22.17 -30.29 4.55
CA GLY B 467 22.67 -29.98 5.90
C GLY B 467 23.95 -30.70 6.33
N SER B 468 24.88 -30.85 5.40
CA SER B 468 26.09 -31.62 5.68
C SER B 468 27.05 -30.92 6.64
N ILE B 469 27.73 -31.72 7.45
CA ILE B 469 28.77 -31.21 8.32
C ILE B 469 30.01 -32.08 8.12
N VAL B 470 31.17 -31.53 8.51
CA VAL B 470 32.46 -32.22 8.46
C VAL B 470 32.97 -32.28 9.89
N ILE B 471 33.44 -33.46 10.30
CA ILE B 471 34.07 -33.64 11.60
C ILE B 471 35.58 -33.76 11.40
N HIS B 472 36.31 -32.86 12.06
CA HIS B 472 37.76 -32.76 11.96
C HIS B 472 38.48 -33.53 13.07
N ASN B 473 39.68 -33.99 12.75
CA ASN B 473 40.64 -34.47 13.74
C ASN B 473 40.08 -35.63 14.53
N LEU B 474 39.71 -36.69 13.80
CA LEU B 474 39.03 -37.85 14.37
C LEU B 474 39.88 -38.58 15.42
N ASP B 475 39.25 -38.94 16.54
CA ASP B 475 39.87 -39.80 17.54
C ASP B 475 39.07 -41.10 17.74
N TYR B 476 39.77 -42.22 17.97
CA TYR B 476 39.10 -43.42 18.47
C TYR B 476 38.11 -42.89 19.52
N SER B 477 36.99 -43.56 19.72
CA SER B 477 36.01 -43.08 20.70
C SER B 477 35.07 -41.99 20.17
N ASP B 478 35.41 -41.41 19.02
CA ASP B 478 34.44 -40.65 18.23
C ASP B 478 33.43 -41.61 17.62
N ASN B 479 33.82 -42.88 17.50
CA ASN B 479 32.91 -43.96 17.08
C ASN B 479 31.51 -43.75 17.64
N GLY B 480 30.52 -43.83 16.76
CA GLY B 480 29.13 -43.67 17.14
C GLY B 480 28.18 -43.43 15.98
N THR B 481 26.93 -43.16 16.32
CA THR B 481 25.87 -42.97 15.33
C THR B 481 25.44 -41.49 15.31
N PHE B 482 25.47 -40.91 14.12
CA PHE B 482 25.04 -39.53 13.95
C PHE B 482 23.66 -39.52 13.28
N THR B 483 22.77 -38.67 13.74
CA THR B 483 21.45 -38.54 13.13
C THR B 483 21.25 -37.13 12.61
N CYS B 484 20.80 -37.01 11.36
CA CYS B 484 20.39 -35.73 10.77
C CYS B 484 18.88 -35.63 10.81
N ASP B 485 18.36 -34.54 11.38
CA ASP B 485 16.92 -34.31 11.52
C ASP B 485 16.55 -33.03 10.75
N VAL B 486 15.68 -33.15 9.75
CA VAL B 486 15.29 -32.03 8.89
C VAL B 486 13.81 -31.71 9.12
N LYS B 487 13.52 -30.44 9.39
CA LYS B 487 12.16 -29.98 9.47
C LYS B 487 12.04 -28.78 8.57
N ASN B 488 11.21 -28.91 7.54
CA ASN B 488 11.01 -27.85 6.58
C ASN B 488 9.56 -27.37 6.63
N PRO B 489 9.32 -26.31 7.44
CA PRO B 489 8.19 -25.91 8.27
C PRO B 489 6.75 -25.94 7.85
N PRO B 490 6.47 -25.91 6.54
CA PRO B 490 5.06 -26.31 6.52
C PRO B 490 4.93 -27.72 7.20
N ASP B 491 5.83 -28.64 6.84
CA ASP B 491 6.15 -29.92 7.52
C ASP B 491 7.09 -29.75 8.74
N ILE B 492 6.48 -29.55 9.91
CA ILE B 492 7.21 -29.34 11.15
C ILE B 492 7.52 -30.64 11.91
N VAL B 493 7.14 -31.78 11.36
CA VAL B 493 7.56 -33.08 11.91
C VAL B 493 8.94 -33.50 11.36
N GLY B 494 9.82 -33.90 12.27
CA GLY B 494 11.25 -34.02 11.89
C GLY B 494 11.63 -35.29 11.13
N LYS B 495 11.88 -35.22 9.82
CA LYS B 495 12.40 -36.42 9.14
C LYS B 495 13.89 -36.66 9.36
N THR B 496 14.26 -37.90 9.65
CA THR B 496 15.62 -38.21 10.11
C THR B 496 16.25 -39.37 9.34
N SER B 497 17.57 -39.36 9.32
CA SER B 497 18.34 -40.46 8.83
C SER B 497 19.64 -40.54 9.63
N GLN B 498 20.20 -41.73 9.71
CA GLN B 498 21.37 -41.97 10.55
C GLN B 498 22.58 -42.42 9.73
N VAL B 499 23.77 -42.02 10.15
CA VAL B 499 25.05 -42.60 9.68
C VAL B 499 25.94 -43.04 10.87
N THR B 500 26.58 -44.20 10.76
CA THR B 500 27.46 -44.71 11.83
C THR B 500 28.92 -44.50 11.48
N LEU B 501 29.67 -43.90 12.40
CA LEU B 501 31.10 -43.66 12.21
C LEU B 501 31.93 -44.72 12.95
N TYR B 502 32.93 -45.26 12.26
CA TYR B 502 33.97 -46.08 12.88
C TYR B 502 35.32 -45.47 12.54
N VAL B 503 36.15 -45.19 13.56
CA VAL B 503 37.50 -44.69 13.27
C VAL B 503 38.62 -45.71 13.56
N PHE B 504 39.46 -45.92 12.55
CA PHE B 504 40.47 -46.99 12.58
C PHE B 504 41.87 -46.38 12.64
N GLU B 505 42.87 -47.23 12.85
CA GLU B 505 44.27 -46.85 12.69
C GLU B 505 44.56 -46.45 11.25
N LYS B 506 44.14 -47.30 10.31
CA LYS B 506 44.48 -47.08 8.90
C LYS B 506 43.25 -46.95 7.97
N VAL B 507 42.79 -48.08 7.43
CA VAL B 507 41.85 -48.10 6.28
C VAL B 507 41.26 -49.51 6.09
C1 GLC C . 2.02 19.29 11.89
C2 GLC C . 1.32 20.52 11.32
C3 GLC C . 0.70 21.41 12.36
C4 GLC C . -0.09 20.54 13.33
C5 GLC C . 0.77 19.47 13.96
C6 GLC C . -0.11 18.53 14.79
O1 GLC C . 3.28 19.64 12.36
O2 GLC C . 2.21 21.36 10.59
O3 GLC C . -0.21 22.22 11.65
O4 GLC C . -0.68 21.37 14.33
O5 GLC C . 1.37 18.64 12.96
O6 GLC C . 0.71 17.69 15.54
C1 GLC C . -2.27 21.78 14.37
C2 GLC C . -2.00 23.23 14.76
C3 GLC C . -1.38 23.37 16.14
C4 GLC C . -2.20 22.54 17.13
C5 GLC C . -2.20 21.06 16.74
C6 GLC C . -3.22 20.25 17.55
O2 GLC C . -1.13 23.81 13.81
O3 GLC C . -1.43 24.74 16.51
O4 GLC C . -1.72 22.74 18.45
O5 GLC C . -2.60 20.85 15.39
O6 GLC C . -2.95 18.89 17.24
C1 GLC D . 0.55 -12.43 -27.20
C2 GLC D . 1.42 -13.00 -28.32
C3 GLC D . 1.81 -14.44 -28.07
C4 GLC D . 2.35 -14.59 -26.66
C5 GLC D . 1.36 -14.08 -25.63
C6 GLC D . 2.02 -14.09 -24.27
O1 GLC D . -0.76 -12.91 -27.33
O2 GLC D . 0.61 -13.00 -29.46
O3 GLC D . 2.79 -14.85 -29.02
O4 GLC D . 2.68 -15.95 -26.39
O5 GLC D . 1.06 -12.73 -25.90
O6 GLC D . 1.01 -13.72 -23.34
C1 GLC D . 4.09 -16.54 -26.48
C2 GLC D . 3.84 -17.84 -27.24
C3 GLC D . 3.00 -18.83 -26.44
C4 GLC D . 3.59 -18.97 -25.05
C5 GLC D . 3.65 -17.61 -24.33
C6 GLC D . 4.42 -17.66 -23.01
O2 GLC D . 3.19 -17.51 -28.46
O3 GLC D . 3.11 -20.06 -27.13
O4 GLC D . 2.79 -19.85 -24.31
O5 GLC D . 4.37 -16.68 -25.10
O6 GLC D . 4.30 -16.43 -22.31
#